data_6HXK
#
_entry.id   6HXK
#
_cell.length_a   67.341
_cell.length_b   123.890
_cell.length_c   139.796
_cell.angle_alpha   90.00
_cell.angle_beta   90.00
_cell.angle_gamma   90.00
#
_symmetry.space_group_name_H-M   'P 21 21 21'
#
loop_
_entity.id
_entity.type
_entity.pdbx_description
1 polymer 'ATP-citrate synthase'
2 non-polymer 'CITRATE ANION'
3 non-polymer 1,2-ETHANEDIOL
4 non-polymer 'TRIETHYLENE GLYCOL'
5 non-polymer 'PENTAETHYLENE GLYCOL'
6 non-polymer DI(HYDROXYETHYL)ETHER
7 water water
#
_entity_poly.entity_id   1
_entity_poly.type   'polypeptide(L)'
_entity_poly.pdbx_seq_one_letter_code
;GSHMKPASFMTSICDERGQELIYAGMPITEVFKEEMGIGGVLGLLWFQKRLPKYSCQFIEMCLMVTADHGPAVSGAHNTI
ICARAGKDLVSSLTSGLLTIGDRFGGALDAAAKMFSKAFDSGIIPMEFVNKMKKEGKLIMGIGHRVKSINNPDMRVQILK
DYVRQHFPATPLLDYALEVEKITTSKKPNLILNVDGLIGVAFVDMLRNCGSFTREEADEYIDIGALNGIFVLGRSMGFIG
HYLDQKRLKQGLYRHPWDDISYVLPEHMSM
;
_entity_poly.pdbx_strand_id   A,B,C,D
#
loop_
_chem_comp.id
_chem_comp.type
_chem_comp.name
_chem_comp.formula
1PE non-polymer 'PENTAETHYLENE GLYCOL' 'C10 H22 O6'
EDO non-polymer 1,2-ETHANEDIOL 'C2 H6 O2'
FLC non-polymer 'CITRATE ANION' 'C6 H5 O7 -3'
PEG non-polymer DI(HYDROXYETHYL)ETHER 'C4 H10 O3'
PGE non-polymer 'TRIETHYLENE GLYCOL' 'C6 H14 O4'
#
# COMPACT_ATOMS: atom_id res chain seq x y z
N PRO A 6 -31.69 0.30 -9.50
CA PRO A 6 -30.59 0.61 -10.43
C PRO A 6 -29.23 0.19 -9.87
N ALA A 7 -28.36 -0.35 -10.73
CA ALA A 7 -27.04 -0.82 -10.32
C ALA A 7 -26.15 0.36 -9.94
N SER A 8 -25.36 0.21 -8.86
N SER A 8 -25.35 0.17 -8.87
CA SER A 8 -24.45 1.27 -8.43
CA SER A 8 -24.41 1.19 -8.39
C SER A 8 -23.09 1.13 -9.13
C SER A 8 -23.06 1.09 -9.04
N PHE A 9 -22.75 -0.06 -9.68
CA PHE A 9 -21.49 -0.29 -10.37
C PHE A 9 -21.73 -0.61 -11.81
N MET A 10 -20.75 -0.26 -12.66
N MET A 10 -20.73 -0.34 -12.64
CA MET A 10 -20.74 -0.52 -14.10
CA MET A 10 -20.76 -0.65 -14.06
C MET A 10 -19.38 -1.16 -14.41
C MET A 10 -19.40 -1.20 -14.37
N THR A 11 -19.35 -2.18 -15.28
CA THR A 11 -18.10 -2.85 -15.64
C THR A 11 -18.15 -3.30 -17.09
N SER A 12 -17.00 -3.26 -17.78
CA SER A 12 -16.93 -3.60 -19.21
C SER A 12 -15.96 -4.70 -19.56
N ILE A 13 -15.14 -5.19 -18.63
CA ILE A 13 -13.96 -5.98 -19.01
C ILE A 13 -14.08 -7.47 -18.86
N CYS A 14 -14.81 -7.94 -17.86
CA CYS A 14 -14.84 -9.36 -17.57
C CYS A 14 -16.18 -9.77 -16.99
N ASP A 15 -16.74 -10.88 -17.48
CA ASP A 15 -17.98 -11.42 -16.97
C ASP A 15 -17.74 -12.84 -16.49
N GLU A 16 -17.83 -13.03 -15.18
CA GLU A 16 -17.63 -14.34 -14.53
C GLU A 16 -18.96 -15.00 -14.11
N ARG A 17 -20.09 -14.43 -14.48
CA ARG A 17 -21.39 -14.95 -14.03
C ARG A 17 -21.87 -16.19 -14.76
N GLY A 18 -21.47 -16.35 -16.02
CA GLY A 18 -21.92 -17.44 -16.87
C GLY A 18 -21.21 -18.75 -16.65
N GLN A 19 -21.47 -19.68 -17.56
CA GLN A 19 -20.88 -21.02 -17.52
C GLN A 19 -19.37 -21.03 -17.75
N GLU A 20 -18.89 -20.05 -18.46
CA GLU A 20 -17.49 -19.91 -18.79
C GLU A 20 -17.08 -18.46 -18.60
N LEU A 21 -15.85 -18.24 -18.09
CA LEU A 21 -15.29 -16.90 -17.88
C LEU A 21 -15.15 -16.21 -19.24
N ILE A 22 -15.52 -14.92 -19.30
N ILE A 22 -15.51 -14.92 -19.29
CA ILE A 22 -15.45 -14.12 -20.52
CA ILE A 22 -15.43 -14.11 -20.50
C ILE A 22 -14.53 -12.92 -20.27
C ILE A 22 -14.53 -12.91 -20.26
N TYR A 23 -13.58 -12.65 -21.19
CA TYR A 23 -12.72 -11.44 -21.14
C TYR A 23 -13.16 -10.60 -22.32
N ALA A 24 -13.80 -9.46 -22.06
CA ALA A 24 -14.26 -8.49 -23.05
C ALA A 24 -14.98 -9.11 -24.27
N GLY A 25 -15.92 -10.00 -24.00
CA GLY A 25 -16.69 -10.69 -25.04
C GLY A 25 -16.13 -12.00 -25.58
N MET A 26 -14.88 -12.33 -25.22
CA MET A 26 -14.23 -13.54 -25.68
C MET A 26 -14.22 -14.61 -24.57
N PRO A 27 -14.90 -15.75 -24.75
CA PRO A 27 -14.81 -16.83 -23.72
C PRO A 27 -13.36 -17.28 -23.53
N ILE A 28 -12.99 -17.65 -22.31
CA ILE A 28 -11.61 -18.05 -22.00
C ILE A 28 -11.11 -19.18 -22.90
N THR A 29 -11.95 -20.13 -23.29
CA THR A 29 -11.50 -21.22 -24.17
C THR A 29 -11.10 -20.66 -25.55
N GLU A 30 -11.80 -19.61 -26.03
CA GLU A 30 -11.48 -18.97 -27.31
C GLU A 30 -10.21 -18.14 -27.20
N VAL A 31 -9.95 -17.52 -26.04
CA VAL A 31 -8.71 -16.79 -25.80
C VAL A 31 -7.53 -17.75 -26.06
N PHE A 32 -7.59 -18.98 -25.53
CA PHE A 32 -6.53 -19.98 -25.74
C PHE A 32 -6.54 -20.58 -27.15
N LYS A 33 -7.71 -20.88 -27.69
CA LYS A 33 -7.83 -21.45 -29.05
C LYS A 33 -7.22 -20.47 -30.09
N GLU A 34 -7.44 -19.16 -29.90
CA GLU A 34 -6.91 -18.11 -30.79
C GLU A 34 -5.47 -17.73 -30.49
N GLU A 35 -4.83 -18.39 -29.48
CA GLU A 35 -3.43 -18.17 -29.09
C GLU A 35 -3.16 -16.70 -28.84
N MET A 36 -4.06 -16.05 -28.10
N MET A 36 -4.04 -16.05 -28.12
CA MET A 36 -4.00 -14.63 -27.78
CA MET A 36 -3.90 -14.61 -27.87
C MET A 36 -2.79 -14.27 -26.90
C MET A 36 -2.77 -14.26 -26.89
N GLY A 37 -2.41 -15.18 -26.01
CA GLY A 37 -1.33 -14.97 -25.05
C GLY A 37 -1.63 -13.88 -24.03
N ILE A 38 -0.61 -13.56 -23.24
CA ILE A 38 -0.71 -12.51 -22.22
C ILE A 38 -1.02 -11.15 -22.89
N GLY A 39 -0.34 -10.83 -24.00
CA GLY A 39 -0.57 -9.56 -24.70
C GLY A 39 -2.00 -9.39 -25.19
N GLY A 40 -2.59 -10.48 -25.68
CA GLY A 40 -3.96 -10.48 -26.16
C GLY A 40 -4.96 -10.40 -25.02
N VAL A 41 -4.68 -11.07 -23.89
CA VAL A 41 -5.49 -10.93 -22.68
C VAL A 41 -5.45 -9.46 -22.19
N LEU A 42 -4.27 -8.84 -22.22
CA LEU A 42 -4.13 -7.42 -21.87
C LEU A 42 -4.95 -6.54 -22.81
N GLY A 43 -4.93 -6.85 -24.11
CA GLY A 43 -5.72 -6.07 -25.06
C GLY A 43 -7.20 -6.14 -24.75
N LEU A 44 -7.68 -7.31 -24.36
CA LEU A 44 -9.08 -7.50 -23.98
C LEU A 44 -9.41 -6.81 -22.65
N LEU A 45 -8.64 -7.09 -21.58
CA LEU A 45 -8.94 -6.51 -20.27
C LEU A 45 -8.69 -5.00 -20.15
N TRP A 46 -7.64 -4.47 -20.77
CA TRP A 46 -7.33 -3.04 -20.65
C TRP A 46 -8.03 -2.20 -21.70
N PHE A 47 -8.17 -2.72 -22.93
CA PHE A 47 -8.71 -1.93 -24.02
C PHE A 47 -10.01 -2.43 -24.63
N GLN A 48 -10.49 -3.60 -24.22
CA GLN A 48 -11.68 -4.24 -24.79
C GLN A 48 -11.59 -4.40 -26.30
N LYS A 49 -10.39 -4.73 -26.79
CA LYS A 49 -10.13 -4.94 -28.23
C LYS A 49 -9.46 -6.29 -28.41
N ARG A 50 -9.69 -6.89 -29.58
CA ARG A 50 -8.97 -8.10 -29.99
C ARG A 50 -7.88 -7.50 -30.85
N LEU A 51 -6.69 -7.35 -30.29
CA LEU A 51 -5.60 -6.68 -31.01
C LEU A 51 -4.95 -7.57 -32.05
N PRO A 52 -4.33 -6.99 -33.10
CA PRO A 52 -3.56 -7.83 -34.04
C PRO A 52 -2.43 -8.56 -33.30
N LYS A 53 -2.03 -9.72 -33.79
CA LYS A 53 -0.99 -10.51 -33.13
C LYS A 53 0.30 -9.74 -32.95
N TYR A 54 0.69 -8.86 -33.91
CA TYR A 54 1.94 -8.14 -33.73
C TYR A 54 1.85 -7.14 -32.56
N SER A 55 0.65 -6.62 -32.28
CA SER A 55 0.42 -5.70 -31.18
C SER A 55 0.50 -6.45 -29.87
N CYS A 56 -0.10 -7.66 -29.84
CA CYS A 56 -0.02 -8.54 -28.66
C CYS A 56 1.43 -8.85 -28.34
N GLN A 57 2.18 -9.22 -29.38
CA GLN A 57 3.61 -9.54 -29.22
C GLN A 57 4.41 -8.35 -28.74
N PHE A 58 4.14 -7.17 -29.29
CA PHE A 58 4.81 -5.96 -28.87
C PHE A 58 4.59 -5.69 -27.39
N ILE A 59 3.34 -5.80 -26.93
CA ILE A 59 2.99 -5.60 -25.52
C ILE A 59 3.80 -6.56 -24.66
N GLU A 60 3.89 -7.83 -25.04
CA GLU A 60 4.68 -8.79 -24.27
C GLU A 60 6.16 -8.43 -24.23
N MET A 61 6.69 -7.92 -25.34
CA MET A 61 8.11 -7.53 -25.40
C MET A 61 8.33 -6.38 -24.42
N CYS A 62 7.38 -5.43 -24.33
CA CYS A 62 7.45 -4.29 -23.40
C CYS A 62 7.56 -4.79 -21.96
N LEU A 63 6.72 -5.75 -21.60
CA LEU A 63 6.71 -6.33 -20.26
C LEU A 63 8.02 -7.05 -19.96
N MET A 64 8.58 -7.73 -20.97
CA MET A 64 9.85 -8.44 -20.81
C MET A 64 11.01 -7.46 -20.61
N VAL A 65 11.07 -6.37 -21.39
CA VAL A 65 12.22 -5.45 -21.29
C VAL A 65 12.14 -4.58 -20.03
N THR A 66 10.94 -4.39 -19.45
CA THR A 66 10.78 -3.59 -18.22
C THR A 66 10.73 -4.47 -16.98
N ALA A 67 10.88 -5.80 -17.13
CA ALA A 67 10.71 -6.73 -15.98
C ALA A 67 11.56 -6.40 -14.77
N ASP A 68 12.82 -6.09 -14.98
CA ASP A 68 13.66 -5.66 -13.86
C ASP A 68 14.84 -4.83 -14.34
N HIS A 69 15.33 -3.96 -13.44
CA HIS A 69 16.51 -3.17 -13.68
C HIS A 69 17.39 -3.07 -12.44
N GLY A 70 17.45 -4.15 -11.70
CA GLY A 70 18.34 -4.28 -10.57
C GLY A 70 17.76 -3.85 -9.24
N PRO A 71 18.56 -4.07 -8.19
CA PRO A 71 18.10 -3.81 -6.82
C PRO A 71 18.29 -2.40 -6.27
N ALA A 72 18.92 -1.50 -7.03
CA ALA A 72 19.29 -0.17 -6.57
C ALA A 72 18.25 0.89 -6.80
N VAL A 73 17.41 0.68 -7.81
CA VAL A 73 16.35 1.64 -8.12
C VAL A 73 15.34 1.70 -6.96
N SER A 74 14.72 2.85 -6.78
CA SER A 74 13.82 3.16 -5.66
C SER A 74 12.88 2.02 -5.26
N GLY A 75 12.08 1.54 -6.20
CA GLY A 75 11.08 0.52 -5.93
C GLY A 75 11.64 -0.83 -5.56
N ALA A 76 12.68 -1.28 -6.28
CA ALA A 76 13.30 -2.58 -5.97
C ALA A 76 13.95 -2.50 -4.55
N HIS A 77 14.60 -1.37 -4.28
CA HIS A 77 15.26 -1.11 -3.00
C HIS A 77 14.22 -1.20 -1.85
N ASN A 78 13.10 -0.51 -1.99
CA ASN A 78 12.04 -0.54 -0.99
C ASN A 78 11.44 -1.95 -0.81
N THR A 79 11.22 -2.67 -1.89
CA THR A 79 10.73 -4.06 -1.80
C THR A 79 11.73 -4.91 -1.02
N ILE A 80 13.03 -4.77 -1.32
CA ILE A 80 14.09 -5.53 -0.67
C ILE A 80 14.09 -5.23 0.84
N ILE A 81 13.98 -3.95 1.20
CA ILE A 81 13.92 -3.56 2.62
C ILE A 81 12.74 -4.18 3.31
N CYS A 82 11.60 -4.12 2.65
N CYS A 82 11.55 -4.19 2.66
CA CYS A 82 10.38 -4.64 3.20
CA CYS A 82 10.35 -4.82 3.24
C CYS A 82 10.47 -6.20 3.40
C CYS A 82 10.58 -6.26 3.47
N ALA A 83 11.06 -6.94 2.43
CA ALA A 83 11.30 -8.38 2.55
C ALA A 83 12.27 -8.68 3.71
N ARG A 84 13.30 -7.85 3.83
CA ARG A 84 14.32 -8.01 4.88
C ARG A 84 13.77 -7.68 6.28
N ALA A 85 12.66 -6.93 6.35
CA ALA A 85 11.95 -6.67 7.61
C ALA A 85 10.98 -7.80 7.96
N GLY A 86 10.99 -8.89 7.16
CA GLY A 86 10.20 -10.09 7.43
C GLY A 86 8.75 -10.02 6.96
N LYS A 87 8.44 -9.08 6.08
CA LYS A 87 7.06 -8.93 5.61
C LYS A 87 6.73 -9.90 4.49
N ASP A 88 5.46 -10.05 4.24
CA ASP A 88 4.91 -10.95 3.22
C ASP A 88 5.15 -10.41 1.80
N LEU A 89 4.89 -11.26 0.83
CA LEU A 89 5.10 -10.92 -0.58
C LEU A 89 4.32 -9.70 -1.05
N VAL A 90 3.02 -9.68 -0.78
CA VAL A 90 2.16 -8.58 -1.23
C VAL A 90 2.57 -7.23 -0.62
N SER A 91 2.82 -7.20 0.70
CA SER A 91 3.26 -5.97 1.37
C SER A 91 4.58 -5.48 0.77
N SER A 92 5.52 -6.40 0.56
CA SER A 92 6.84 -6.08 0.02
C SER A 92 6.79 -5.58 -1.40
N LEU A 93 5.99 -6.25 -2.24
CA LEU A 93 5.81 -5.80 -3.61
C LEU A 93 5.21 -4.41 -3.61
N THR A 94 4.12 -4.23 -2.86
N THR A 94 4.13 -4.22 -2.87
CA THR A 94 3.40 -2.94 -2.83
CA THR A 94 3.39 -2.95 -2.84
C THR A 94 4.25 -1.81 -2.31
C THR A 94 4.25 -1.81 -2.30
N SER A 95 5.11 -2.07 -1.31
CA SER A 95 6.00 -1.02 -0.79
C SER A 95 6.91 -0.45 -1.89
N GLY A 96 7.32 -1.31 -2.81
CA GLY A 96 8.11 -0.94 -3.97
C GLY A 96 7.27 -0.29 -5.06
N LEU A 97 6.10 -0.88 -5.38
CA LEU A 97 5.22 -0.30 -6.41
C LEU A 97 4.80 1.12 -6.11
N LEU A 98 4.62 1.45 -4.82
CA LEU A 98 4.21 2.79 -4.43
C LEU A 98 5.24 3.89 -4.74
N THR A 99 6.48 3.53 -5.09
CA THR A 99 7.49 4.50 -5.49
C THR A 99 7.33 4.92 -6.96
N ILE A 100 6.48 4.21 -7.72
CA ILE A 100 6.32 4.39 -9.16
C ILE A 100 5.35 5.49 -9.59
N GLY A 101 5.74 6.25 -10.59
CA GLY A 101 4.82 7.16 -11.24
C GLY A 101 5.31 8.52 -11.60
N ASP A 102 6.33 9.02 -10.90
CA ASP A 102 6.88 10.33 -11.19
C ASP A 102 8.34 10.22 -11.60
N ARG A 103 9.30 10.43 -10.68
CA ARG A 103 10.72 10.38 -10.97
C ARG A 103 11.22 8.98 -11.27
N PHE A 104 10.51 7.96 -10.79
CA PHE A 104 10.85 6.54 -11.04
C PHE A 104 9.68 5.82 -11.74
N GLY A 105 9.92 5.29 -12.93
CA GLY A 105 8.91 4.58 -13.71
C GLY A 105 7.89 5.45 -14.43
N GLY A 106 8.01 6.76 -14.34
CA GLY A 106 7.08 7.67 -14.99
C GLY A 106 7.50 8.13 -16.37
N ALA A 107 8.72 7.80 -16.83
CA ALA A 107 9.24 8.32 -18.09
C ALA A 107 8.58 7.73 -19.35
N LEU A 108 7.98 6.52 -19.27
CA LEU A 108 7.28 5.94 -20.46
C LEU A 108 6.08 6.85 -20.79
N ASP A 109 5.29 7.14 -19.77
CA ASP A 109 4.10 8.00 -19.86
C ASP A 109 4.52 9.43 -20.23
N ALA A 110 5.54 9.98 -19.57
CA ALA A 110 5.99 11.35 -19.83
C ALA A 110 6.55 11.50 -21.26
N ALA A 111 7.28 10.50 -21.77
CA ALA A 111 7.81 10.55 -23.13
C ALA A 111 6.70 10.46 -24.17
N ALA A 112 5.75 9.54 -23.97
CA ALA A 112 4.58 9.42 -24.86
C ALA A 112 3.85 10.75 -24.98
N LYS A 113 3.58 11.40 -23.84
CA LYS A 113 2.87 12.66 -23.85
C LYS A 113 3.67 13.80 -24.46
N MET A 114 4.96 13.91 -24.13
CA MET A 114 5.79 15.01 -24.64
C MET A 114 5.99 14.91 -26.14
N PHE A 115 6.36 13.72 -26.63
CA PHE A 115 6.56 13.52 -28.06
C PHE A 115 5.24 13.68 -28.82
N SER A 116 4.10 13.19 -28.28
CA SER A 116 2.78 13.35 -28.93
C SER A 116 2.42 14.81 -29.04
N LYS A 117 2.66 15.58 -27.96
CA LYS A 117 2.33 17.01 -27.97
C LYS A 117 3.16 17.73 -29.02
N ALA A 118 4.47 17.46 -29.08
CA ALA A 118 5.36 18.10 -30.04
C ALA A 118 4.93 17.76 -31.47
N PHE A 119 4.70 16.47 -31.73
CA PHE A 119 4.26 15.99 -33.05
C PHE A 119 2.91 16.57 -33.46
N ASP A 120 1.92 16.53 -32.55
CA ASP A 120 0.58 17.01 -32.85
C ASP A 120 0.55 18.53 -33.09
N SER A 121 1.45 19.27 -32.43
CA SER A 121 1.53 20.74 -32.59
C SER A 121 2.16 21.14 -33.96
N GLY A 122 2.75 20.19 -34.67
CA GLY A 122 3.36 20.43 -35.97
C GLY A 122 4.76 21.02 -35.92
N ILE A 123 5.38 21.12 -34.73
CA ILE A 123 6.71 21.69 -34.66
C ILE A 123 7.70 20.68 -35.15
N ILE A 124 8.66 21.11 -35.95
CA ILE A 124 9.60 20.17 -36.53
C ILE A 124 10.62 19.72 -35.47
N PRO A 125 11.24 18.57 -35.64
CA PRO A 125 12.18 18.08 -34.60
C PRO A 125 13.27 19.08 -34.16
N MET A 126 13.91 19.80 -35.09
CA MET A 126 14.94 20.79 -34.73
C MET A 126 14.39 21.89 -33.85
N GLU A 127 13.22 22.40 -34.19
CA GLU A 127 12.63 23.47 -33.40
C GLU A 127 12.14 22.96 -32.03
N PHE A 128 11.69 21.68 -31.92
CA PHE A 128 11.34 21.09 -30.64
C PHE A 128 12.58 21.05 -29.73
N VAL A 129 13.72 20.61 -30.28
CA VAL A 129 14.97 20.55 -29.53
C VAL A 129 15.41 21.94 -29.07
N ASN A 130 15.48 22.92 -29.97
CA ASN A 130 15.89 24.28 -29.56
C ASN A 130 14.93 24.89 -28.52
N LYS A 131 13.61 24.70 -28.64
CA LYS A 131 12.62 25.20 -27.66
C LYS A 131 12.91 24.62 -26.29
N MET A 132 13.14 23.30 -26.23
CA MET A 132 13.40 22.66 -24.93
C MET A 132 14.74 23.17 -24.35
N LYS A 133 15.78 23.41 -25.19
CA LYS A 133 17.06 23.98 -24.71
C LYS A 133 16.81 25.40 -24.19
N LYS A 134 16.06 26.19 -24.95
CA LYS A 134 15.76 27.57 -24.54
C LYS A 134 14.98 27.62 -23.23
N GLU A 135 14.00 26.71 -23.05
CA GLU A 135 13.18 26.65 -21.84
C GLU A 135 13.85 25.90 -20.67
N GLY A 136 15.03 25.31 -20.92
CA GLY A 136 15.77 24.56 -19.91
C GLY A 136 15.05 23.32 -19.42
N LYS A 137 14.27 22.66 -20.33
CA LYS A 137 13.50 21.47 -19.98
C LYS A 137 14.11 20.24 -20.65
N LEU A 138 14.22 19.13 -19.91
CA LEU A 138 14.76 17.90 -20.45
C LEU A 138 13.74 17.24 -21.37
N ILE A 139 14.22 16.56 -22.41
CA ILE A 139 13.38 15.80 -23.31
C ILE A 139 13.20 14.43 -22.65
N MET A 140 11.95 14.08 -22.32
CA MET A 140 11.64 12.79 -21.69
C MET A 140 11.86 11.65 -22.70
N GLY A 141 12.45 10.53 -22.27
CA GLY A 141 12.73 9.39 -23.13
C GLY A 141 14.03 9.49 -23.92
N ILE A 142 14.89 10.47 -23.58
CA ILE A 142 16.17 10.69 -24.22
C ILE A 142 17.26 10.70 -23.17
N GLY A 143 18.38 10.02 -23.47
CA GLY A 143 19.55 10.00 -22.59
C GLY A 143 19.86 8.63 -22.07
N HIS A 144 21.15 8.33 -22.01
CA HIS A 144 21.64 7.05 -21.51
C HIS A 144 22.97 7.28 -20.81
N ARG A 145 23.19 6.62 -19.69
CA ARG A 145 24.45 6.80 -18.97
C ARG A 145 25.67 6.31 -19.76
N VAL A 146 25.53 5.33 -20.66
CA VAL A 146 26.70 4.74 -21.33
C VAL A 146 26.48 4.44 -22.82
N LYS A 147 25.26 4.09 -23.28
CA LYS A 147 25.09 3.80 -24.73
C LYS A 147 24.99 5.12 -25.45
N SER A 148 25.21 5.08 -26.76
CA SER A 148 25.31 6.27 -27.56
C SER A 148 24.89 5.91 -29.00
N ILE A 149 24.86 6.91 -29.85
CA ILE A 149 24.42 6.77 -31.22
C ILE A 149 25.15 5.64 -31.99
N ASN A 150 26.49 5.46 -31.86
CA ASN A 150 27.26 4.41 -32.55
C ASN A 150 27.45 3.17 -31.69
N ASN A 151 26.81 3.11 -30.49
CA ASN A 151 26.89 1.96 -29.57
C ASN A 151 25.47 1.77 -28.99
N PRO A 152 24.54 1.16 -29.75
CA PRO A 152 23.15 1.18 -29.35
C PRO A 152 22.79 0.42 -28.10
N ASP A 153 21.72 0.83 -27.47
CA ASP A 153 21.13 0.09 -26.36
C ASP A 153 20.37 -1.09 -27.00
N MET A 154 20.64 -2.31 -26.54
CA MET A 154 20.07 -3.49 -27.15
C MET A 154 18.59 -3.67 -26.88
N ARG A 155 18.06 -3.19 -25.74
CA ARG A 155 16.61 -3.28 -25.52
C ARG A 155 15.90 -2.38 -26.52
N VAL A 156 16.47 -1.18 -26.76
CA VAL A 156 15.90 -0.24 -27.73
C VAL A 156 15.95 -0.90 -29.11
N GLN A 157 17.11 -1.48 -29.48
CA GLN A 157 17.29 -2.07 -30.81
C GLN A 157 16.29 -3.17 -31.07
N ILE A 158 16.08 -4.08 -30.08
CA ILE A 158 15.12 -5.18 -30.18
C ILE A 158 13.71 -4.66 -30.43
N LEU A 159 13.27 -3.76 -29.59
CA LEU A 159 11.90 -3.23 -29.71
C LEU A 159 11.68 -2.41 -30.98
N LYS A 160 12.63 -1.51 -31.28
CA LYS A 160 12.60 -0.62 -32.45
C LYS A 160 12.52 -1.46 -33.71
N ASP A 161 13.35 -2.49 -33.83
CA ASP A 161 13.32 -3.36 -35.01
C ASP A 161 11.96 -4.05 -35.10
N TYR A 162 11.45 -4.56 -33.99
CA TYR A 162 10.14 -5.25 -34.03
C TYR A 162 9.03 -4.34 -34.48
N VAL A 163 9.03 -3.15 -33.94
CA VAL A 163 8.03 -2.14 -34.27
C VAL A 163 8.08 -1.72 -35.75
N ARG A 164 9.27 -1.39 -36.27
CA ARG A 164 9.37 -0.95 -37.66
C ARG A 164 9.06 -2.09 -38.59
N GLN A 165 9.36 -3.33 -38.18
CA GLN A 165 9.10 -4.49 -39.02
C GLN A 165 7.63 -4.96 -39.10
N HIS A 166 6.81 -4.64 -38.10
CA HIS A 166 5.44 -5.12 -38.01
C HIS A 166 4.36 -4.09 -38.00
N PHE A 167 4.63 -2.87 -37.55
CA PHE A 167 3.57 -1.86 -37.51
C PHE A 167 3.33 -1.30 -38.90
N PRO A 168 2.08 -1.04 -39.27
CA PRO A 168 1.79 -0.48 -40.59
C PRO A 168 2.28 0.95 -40.75
N ALA A 169 2.44 1.68 -39.63
CA ALA A 169 2.92 3.06 -39.67
C ALA A 169 3.48 3.41 -38.30
N THR A 170 4.56 4.18 -38.25
CA THR A 170 5.19 4.58 -36.99
C THR A 170 5.53 6.05 -37.05
N PRO A 171 4.57 6.94 -37.31
CA PRO A 171 4.91 8.38 -37.41
C PRO A 171 5.53 9.00 -36.16
N LEU A 172 5.08 8.62 -34.96
CA LEU A 172 5.67 9.19 -33.75
C LEU A 172 7.08 8.67 -33.50
N LEU A 173 7.29 7.39 -33.69
CA LEU A 173 8.62 6.82 -33.61
C LEU A 173 9.52 7.53 -34.63
N ASP A 174 9.05 7.71 -35.88
CA ASP A 174 9.85 8.40 -36.92
C ASP A 174 10.25 9.79 -36.46
N TYR A 175 9.32 10.50 -35.84
CA TYR A 175 9.58 11.85 -35.32
C TYR A 175 10.64 11.80 -34.18
N ALA A 176 10.47 10.89 -33.24
CA ALA A 176 11.43 10.73 -32.16
C ALA A 176 12.85 10.38 -32.65
N LEU A 177 12.96 9.55 -33.72
CA LEU A 177 14.25 9.18 -34.31
C LEU A 177 14.90 10.39 -34.96
N GLU A 178 14.10 11.31 -35.50
CA GLU A 178 14.67 12.56 -36.07
C GLU A 178 15.20 13.42 -34.92
N VAL A 179 14.46 13.47 -33.78
CA VAL A 179 14.92 14.19 -32.58
C VAL A 179 16.24 13.59 -32.14
N GLU A 180 16.32 12.22 -32.07
CA GLU A 180 17.55 11.55 -31.68
C GLU A 180 18.73 11.95 -32.55
N LYS A 181 18.54 12.02 -33.88
CA LYS A 181 19.61 12.40 -34.79
C LYS A 181 20.15 13.77 -34.43
N ILE A 182 19.27 14.68 -34.06
CA ILE A 182 19.66 16.03 -33.66
C ILE A 182 20.36 16.03 -32.30
N THR A 183 19.74 15.42 -31.27
CA THR A 183 20.38 15.46 -29.95
C THR A 183 21.75 14.82 -29.94
N THR A 184 21.90 13.63 -30.58
CA THR A 184 23.17 12.90 -30.61
C THR A 184 24.24 13.56 -31.48
N SER A 185 23.87 14.50 -32.38
CA SER A 185 24.88 15.21 -33.18
C SER A 185 25.76 16.08 -32.27
N LYS A 186 25.23 16.52 -31.12
CA LYS A 186 26.01 17.31 -30.16
C LYS A 186 26.40 16.48 -28.93
N LYS A 187 25.53 15.61 -28.42
CA LYS A 187 25.83 14.79 -27.26
C LYS A 187 25.46 13.34 -27.56
N PRO A 188 26.45 12.51 -27.95
CA PRO A 188 26.17 11.15 -28.42
C PRO A 188 25.34 10.23 -27.53
N ASN A 189 25.33 10.44 -26.22
CA ASN A 189 24.51 9.61 -25.31
C ASN A 189 23.07 10.06 -25.22
N LEU A 190 22.68 11.13 -25.93
CA LEU A 190 21.26 11.56 -25.96
C LEU A 190 20.47 10.77 -26.99
N ILE A 191 20.49 9.46 -26.80
CA ILE A 191 19.79 8.51 -27.63
C ILE A 191 18.35 8.40 -27.12
N LEU A 192 17.50 7.83 -27.95
CA LEU A 192 16.12 7.48 -27.58
C LEU A 192 16.34 6.26 -26.69
N ASN A 193 15.96 6.34 -25.45
CA ASN A 193 16.20 5.26 -24.51
C ASN A 193 14.96 4.37 -24.49
N VAL A 194 15.01 3.29 -23.73
N VAL A 194 15.01 3.29 -23.71
CA VAL A 194 13.94 2.32 -23.74
CA VAL A 194 13.90 2.32 -23.62
C VAL A 194 12.61 2.91 -23.25
C VAL A 194 12.60 2.97 -23.28
N ASP A 195 12.59 3.91 -22.32
CA ASP A 195 11.34 4.59 -21.90
C ASP A 195 10.76 5.41 -23.04
N GLY A 196 11.63 6.08 -23.78
CA GLY A 196 11.19 6.88 -24.92
C GLY A 196 10.68 5.99 -26.06
N LEU A 197 11.37 4.86 -26.32
CA LEU A 197 10.96 3.96 -27.35
C LEU A 197 9.63 3.34 -27.06
N ILE A 198 9.48 2.79 -25.87
CA ILE A 198 8.21 2.19 -25.50
C ILE A 198 7.09 3.23 -25.55
N GLY A 199 7.33 4.41 -24.99
CA GLY A 199 6.32 5.46 -24.99
C GLY A 199 5.83 5.84 -26.37
N VAL A 200 6.75 6.16 -27.28
CA VAL A 200 6.33 6.56 -28.64
C VAL A 200 5.79 5.39 -29.45
N ALA A 201 6.37 4.19 -29.29
CA ALA A 201 5.90 3.04 -30.05
C ALA A 201 4.50 2.64 -29.59
N PHE A 202 4.20 2.82 -28.29
CA PHE A 202 2.89 2.48 -27.76
C PHE A 202 1.84 3.43 -28.30
N VAL A 203 2.18 4.73 -28.43
CA VAL A 203 1.28 5.69 -29.06
C VAL A 203 1.05 5.27 -30.51
N ASP A 204 2.15 4.92 -31.23
CA ASP A 204 2.03 4.48 -32.63
C ASP A 204 1.13 3.26 -32.76
N MET A 205 1.19 2.33 -31.84
CA MET A 205 0.34 1.15 -31.86
C MET A 205 -1.10 1.53 -31.70
N LEU A 206 -1.40 2.30 -30.67
CA LEU A 206 -2.78 2.66 -30.42
C LEU A 206 -3.35 3.44 -31.56
N ARG A 207 -2.58 4.39 -32.11
CA ARG A 207 -3.07 5.25 -33.19
C ARG A 207 -3.17 4.57 -34.54
N ASN A 208 -2.34 3.56 -34.81
CA ASN A 208 -2.25 2.99 -36.15
C ASN A 208 -2.57 1.51 -36.26
N CYS A 209 -2.75 0.76 -35.18
CA CYS A 209 -3.05 -0.69 -35.35
C CYS A 209 -4.42 -0.95 -35.99
N GLY A 210 -5.32 0.03 -35.98
CA GLY A 210 -6.66 -0.10 -36.56
C GLY A 210 -7.74 -0.42 -35.57
N SER A 211 -7.40 -0.77 -34.31
CA SER A 211 -8.41 -1.14 -33.31
C SER A 211 -8.98 0.05 -32.56
N PHE A 212 -8.35 1.24 -32.64
CA PHE A 212 -8.79 2.41 -31.91
C PHE A 212 -9.04 3.60 -32.78
N THR A 213 -9.99 4.42 -32.39
CA THR A 213 -10.15 5.73 -33.01
C THR A 213 -9.07 6.61 -32.34
N ARG A 214 -8.81 7.78 -32.89
CA ARG A 214 -7.82 8.68 -32.28
C ARG A 214 -8.27 9.11 -30.88
N GLU A 215 -9.58 9.32 -30.68
CA GLU A 215 -10.10 9.71 -29.38
C GLU A 215 -9.84 8.63 -28.34
N GLU A 216 -10.06 7.38 -28.69
CA GLU A 216 -9.78 6.27 -27.77
C GLU A 216 -8.27 6.16 -27.46
N ALA A 217 -7.42 6.25 -28.49
CA ALA A 217 -5.96 6.19 -28.30
C ALA A 217 -5.50 7.30 -27.34
N ASP A 218 -5.97 8.53 -27.57
CA ASP A 218 -5.59 9.65 -26.70
C ASP A 218 -6.09 9.45 -25.29
N GLU A 219 -7.29 8.89 -25.16
CA GLU A 219 -7.85 8.64 -23.83
C GLU A 219 -7.03 7.62 -23.06
N TYR A 220 -6.68 6.51 -23.69
CA TYR A 220 -5.88 5.48 -23.02
C TYR A 220 -4.51 6.00 -22.56
N ILE A 221 -3.87 6.90 -23.35
CA ILE A 221 -2.61 7.50 -22.92
C ILE A 221 -2.89 8.42 -21.73
N ASP A 222 -3.93 9.23 -21.83
CA ASP A 222 -4.26 10.19 -20.78
C ASP A 222 -4.57 9.56 -19.43
N ILE A 223 -5.31 8.43 -19.43
CA ILE A 223 -5.69 7.79 -18.16
C ILE A 223 -4.61 6.86 -17.60
N GLY A 224 -3.46 6.73 -18.28
CA GLY A 224 -2.32 6.01 -17.73
C GLY A 224 -1.99 4.61 -18.21
N ALA A 225 -2.38 4.23 -19.45
CA ALA A 225 -2.02 2.90 -19.99
C ALA A 225 -0.52 2.61 -19.88
N LEU A 226 0.35 3.58 -20.19
CA LEU A 226 1.81 3.36 -20.10
C LEU A 226 2.31 3.21 -18.69
N ASN A 227 1.68 3.91 -17.72
CA ASN A 227 2.03 3.65 -16.31
C ASN A 227 1.67 2.20 -15.99
N GLY A 228 0.54 1.72 -16.51
CA GLY A 228 0.13 0.33 -16.32
C GLY A 228 1.16 -0.65 -16.85
N ILE A 229 1.69 -0.37 -18.04
CA ILE A 229 2.72 -1.25 -18.64
C ILE A 229 3.95 -1.34 -17.74
N PHE A 230 4.47 -0.20 -17.28
CA PHE A 230 5.66 -0.23 -16.42
C PHE A 230 5.37 -0.97 -15.12
N VAL A 231 4.24 -0.69 -14.49
CA VAL A 231 3.84 -1.32 -13.23
C VAL A 231 3.72 -2.81 -13.36
N LEU A 232 3.01 -3.29 -14.39
CA LEU A 232 2.81 -4.73 -14.59
C LEU A 232 4.14 -5.40 -14.92
N GLY A 233 4.90 -4.77 -15.79
CA GLY A 233 6.21 -5.29 -16.16
C GLY A 233 7.15 -5.40 -14.98
N ARG A 234 7.36 -4.28 -14.26
CA ARG A 234 8.29 -4.22 -13.15
C ARG A 234 7.85 -5.05 -11.92
N SER A 235 6.55 -5.35 -11.80
CA SER A 235 6.06 -6.23 -10.74
C SER A 235 6.75 -7.56 -10.80
N MET A 236 7.09 -8.05 -12.02
N MET A 236 7.08 -8.03 -12.01
CA MET A 236 7.80 -9.32 -12.20
CA MET A 236 7.78 -9.31 -12.10
C MET A 236 9.15 -9.28 -11.46
C MET A 236 9.13 -9.24 -11.39
N GLY A 237 9.92 -8.21 -11.67
CA GLY A 237 11.22 -8.06 -11.03
C GLY A 237 11.10 -7.84 -9.53
N PHE A 238 10.14 -7.04 -9.10
CA PHE A 238 9.96 -6.82 -7.65
C PHE A 238 9.58 -8.07 -6.92
N ILE A 239 8.72 -8.94 -7.51
CA ILE A 239 8.41 -10.23 -6.86
C ILE A 239 9.68 -11.06 -6.81
N GLY A 240 10.46 -11.02 -7.88
CA GLY A 240 11.73 -11.73 -7.93
C GLY A 240 12.67 -11.29 -6.82
N HIS A 241 12.75 -9.97 -6.56
CA HIS A 241 13.58 -9.43 -5.47
C HIS A 241 13.11 -9.91 -4.12
N TYR A 242 11.77 -9.95 -3.92
CA TYR A 242 11.21 -10.47 -2.68
C TYR A 242 11.66 -11.92 -2.47
N LEU A 243 11.45 -12.76 -3.48
CA LEU A 243 11.80 -14.20 -3.37
C LEU A 243 13.31 -14.38 -3.09
N ASP A 244 14.13 -13.61 -3.78
CA ASP A 244 15.59 -13.63 -3.66
C ASP A 244 16.06 -13.28 -2.24
N GLN A 245 15.51 -12.22 -1.67
CA GLN A 245 15.87 -11.81 -0.30
C GLN A 245 15.47 -12.89 0.71
N LYS A 246 14.35 -13.56 0.48
CA LYS A 246 13.90 -14.64 1.36
C LYS A 246 14.86 -15.85 1.26
N ARG A 247 15.27 -16.20 0.06
CA ARG A 247 16.21 -17.32 -0.14
C ARG A 247 17.60 -17.01 0.39
N LEU A 248 18.06 -15.77 0.23
CA LEU A 248 19.36 -15.31 0.71
C LEU A 248 19.39 -15.13 2.26
N LYS A 249 18.22 -15.25 2.93
CA LYS A 249 18.08 -15.17 4.38
C LYS A 249 18.67 -13.89 4.91
N GLN A 250 18.42 -12.83 4.17
CA GLN A 250 18.91 -11.51 4.49
C GLN A 250 18.13 -10.95 5.70
N GLY A 251 18.86 -10.43 6.67
CA GLY A 251 18.29 -9.90 7.90
C GLY A 251 17.86 -8.46 7.82
N LEU A 252 17.32 -7.94 8.93
CA LEU A 252 16.80 -6.59 9.01
C LEU A 252 17.83 -5.55 8.58
N TYR A 253 17.41 -4.62 7.70
CA TYR A 253 18.25 -3.53 7.23
C TYR A 253 18.03 -2.28 8.10
N ARG A 254 19.07 -1.50 8.30
CA ARG A 254 18.99 -0.19 8.98
C ARG A 254 20.03 0.67 8.27
N HIS A 255 19.64 1.84 7.77
CA HIS A 255 20.55 2.65 6.98
C HIS A 255 21.69 3.21 7.84
N PRO A 256 22.95 3.23 7.37
CA PRO A 256 24.04 3.73 8.22
C PRO A 256 23.98 5.22 8.50
N TRP A 257 24.25 5.59 9.76
CA TRP A 257 24.26 7.01 10.17
C TRP A 257 25.28 7.84 9.42
N ASP A 258 26.44 7.26 9.07
CA ASP A 258 27.46 8.02 8.32
C ASP A 258 26.98 8.51 6.95
N ASP A 259 25.87 7.96 6.41
CA ASP A 259 25.36 8.39 5.11
C ASP A 259 24.16 9.35 5.28
N ILE A 260 23.92 9.85 6.50
CA ILE A 260 22.80 10.74 6.81
C ILE A 260 23.30 11.99 7.48
N SER A 261 22.90 13.17 6.96
CA SER A 261 23.23 14.45 7.53
C SER A 261 22.05 14.91 8.37
N TYR A 262 22.22 14.95 9.69
CA TYR A 262 21.16 15.39 10.62
C TYR A 262 21.30 16.88 10.80
N VAL A 263 20.33 17.66 10.35
CA VAL A 263 20.38 19.13 10.46
C VAL A 263 19.14 19.60 11.18
N LEU A 264 19.01 19.14 12.41
CA LEU A 264 17.83 19.50 13.23
C LEU A 264 17.96 20.96 13.70
N PRO A 265 16.85 21.61 14.11
CA PRO A 265 16.98 22.93 14.75
C PRO A 265 17.84 22.82 16.01
N GLU A 266 18.56 23.87 16.36
CA GLU A 266 19.42 23.88 17.53
C GLU A 266 18.69 23.42 18.82
N HIS A 267 19.40 22.62 19.64
CA HIS A 267 18.92 22.09 20.92
C HIS A 267 18.25 23.16 21.79
N PRO B 6 32.57 -4.06 3.26
CA PRO B 6 31.59 -5.14 2.99
C PRO B 6 30.22 -4.60 2.55
N ALA B 7 29.62 -5.24 1.55
CA ALA B 7 28.34 -4.80 1.01
C ALA B 7 27.22 -5.09 2.00
N SER B 8 26.26 -4.17 2.12
N SER B 8 26.25 -4.18 2.08
CA SER B 8 25.12 -4.38 3.02
CA SER B 8 25.09 -4.31 2.96
C SER B 8 23.97 -5.10 2.30
C SER B 8 23.93 -5.02 2.28
N PHE B 9 23.96 -5.10 0.93
CA PHE B 9 22.92 -5.78 0.15
C PHE B 9 23.53 -6.87 -0.68
N MET B 10 22.74 -7.92 -0.93
CA MET B 10 23.10 -9.02 -1.80
C MET B 10 21.94 -9.27 -2.75
N THR B 11 22.25 -9.61 -4.00
CA THR B 11 21.24 -9.80 -5.06
C THR B 11 21.66 -10.87 -6.04
N SER B 12 20.71 -11.65 -6.56
CA SER B 12 21.00 -12.76 -7.48
C SER B 12 20.32 -12.71 -8.81
N ILE B 13 19.38 -11.80 -9.05
CA ILE B 13 18.45 -11.96 -10.18
C ILE B 13 18.74 -11.13 -11.41
N CYS B 14 19.28 -9.94 -11.24
CA CYS B 14 19.44 -9.03 -12.37
C CYS B 14 20.66 -8.16 -12.18
N ASP B 15 21.44 -8.01 -13.23
CA ASP B 15 22.63 -7.16 -13.20
C ASP B 15 22.49 -6.12 -14.30
N GLU B 16 22.32 -4.88 -13.91
CA GLU B 16 22.17 -3.74 -14.83
C GLU B 16 23.43 -2.86 -14.89
N ARG B 17 24.54 -3.30 -14.28
CA ARG B 17 25.76 -2.50 -14.24
C ARG B 17 26.56 -2.50 -15.54
N GLY B 18 26.45 -3.57 -16.34
CA GLY B 18 27.17 -3.69 -17.61
C GLY B 18 26.49 -2.93 -18.73
N GLN B 19 27.03 -2.97 -19.89
CA GLN B 19 26.38 -2.25 -20.97
C GLN B 19 25.12 -2.99 -21.46
N GLU B 20 24.94 -4.33 -21.18
CA GLU B 20 23.73 -5.03 -21.58
C GLU B 20 23.10 -5.57 -20.31
N LEU B 21 21.78 -5.40 -20.18
CA LEU B 21 21.01 -5.88 -19.06
C LEU B 21 21.10 -7.42 -19.02
N ILE B 22 21.29 -7.99 -17.82
N ILE B 22 21.27 -7.97 -17.84
CA ILE B 22 21.38 -9.44 -17.63
CA ILE B 22 21.35 -9.43 -17.63
C ILE B 22 20.26 -9.88 -16.69
C ILE B 22 20.25 -9.88 -16.67
N TYR B 23 19.52 -10.94 -17.04
CA TYR B 23 18.50 -11.55 -16.16
C TYR B 23 19.06 -12.92 -15.78
N ALA B 24 19.46 -13.09 -14.53
CA ALA B 24 19.98 -14.35 -13.97
C ALA B 24 21.04 -15.03 -14.83
N GLY B 25 22.01 -14.26 -15.28
CA GLY B 25 23.11 -14.78 -16.12
C GLY B 25 22.88 -14.76 -17.62
N MET B 26 21.65 -14.49 -18.07
CA MET B 26 21.29 -14.46 -19.47
C MET B 26 21.21 -12.99 -19.97
N PRO B 27 22.08 -12.55 -20.89
CA PRO B 27 21.92 -11.20 -21.45
C PRO B 27 20.55 -11.04 -22.12
N ILE B 28 19.97 -9.85 -22.05
CA ILE B 28 18.63 -9.62 -22.60
C ILE B 28 18.54 -10.00 -24.10
N THR B 29 19.59 -9.81 -24.89
CA THR B 29 19.53 -10.20 -26.32
C THR B 29 19.36 -11.73 -26.46
N GLU B 30 19.96 -12.50 -25.54
CA GLU B 30 19.84 -13.96 -25.55
C GLU B 30 18.45 -14.40 -25.08
N VAL B 31 17.86 -13.67 -24.14
CA VAL B 31 16.48 -13.91 -23.69
C VAL B 31 15.54 -13.88 -24.93
N PHE B 32 15.70 -12.86 -25.79
CA PHE B 32 14.90 -12.76 -27.02
C PHE B 32 15.31 -13.77 -28.09
N LYS B 33 16.62 -13.98 -28.28
CA LYS B 33 17.11 -14.95 -29.29
C LYS B 33 16.57 -16.37 -28.99
N GLU B 34 16.50 -16.73 -27.70
CA GLU B 34 16.00 -18.03 -27.27
C GLU B 34 14.47 -18.09 -27.16
N GLU B 35 13.75 -17.00 -27.48
CA GLU B 35 12.29 -16.90 -27.45
C GLU B 35 11.74 -17.34 -26.13
N MET B 36 12.36 -16.85 -25.05
N MET B 36 12.34 -16.87 -25.04
CA MET B 36 12.01 -17.21 -23.66
CA MET B 36 11.93 -17.30 -23.72
C MET B 36 10.61 -16.73 -23.27
C MET B 36 10.59 -16.73 -23.26
N GLY B 37 10.18 -15.59 -23.80
CA GLY B 37 8.89 -15.00 -23.46
C GLY B 37 8.80 -14.51 -22.02
N ILE B 38 7.60 -14.12 -21.63
CA ILE B 38 7.32 -13.66 -20.27
C ILE B 38 7.55 -14.81 -19.26
N GLY B 39 7.12 -16.02 -19.61
CA GLY B 39 7.30 -17.18 -18.74
C GLY B 39 8.74 -17.53 -18.47
N GLY B 40 9.58 -17.36 -19.47
CA GLY B 40 11.01 -17.63 -19.35
C GLY B 40 11.73 -16.52 -18.60
N VAL B 41 11.30 -15.26 -18.79
CA VAL B 41 11.80 -14.14 -17.98
C VAL B 41 11.44 -14.37 -16.50
N LEU B 42 10.22 -14.84 -16.22
CA LEU B 42 9.81 -15.17 -14.84
C LEU B 42 10.68 -16.29 -14.28
N GLY B 43 10.96 -17.32 -15.08
CA GLY B 43 11.85 -18.39 -14.63
C GLY B 43 13.23 -17.88 -14.23
N LEU B 44 13.77 -16.94 -14.99
CA LEU B 44 15.07 -16.34 -14.68
C LEU B 44 14.99 -15.44 -13.43
N LEU B 45 14.05 -14.48 -13.41
CA LEU B 45 13.97 -13.54 -12.30
C LEU B 45 13.49 -14.14 -10.98
N TRP B 46 12.56 -15.10 -11.01
CA TRP B 46 12.02 -15.68 -9.77
C TRP B 46 12.82 -16.89 -9.31
N PHE B 47 13.28 -17.73 -10.24
CA PHE B 47 13.93 -18.97 -9.88
C PHE B 47 15.39 -19.11 -10.30
N GLN B 48 15.94 -18.14 -11.04
CA GLN B 48 17.30 -18.19 -11.57
C GLN B 48 17.56 -19.47 -12.35
N LYS B 49 16.57 -19.92 -13.13
CA LYS B 49 16.67 -21.11 -13.98
C LYS B 49 16.26 -20.76 -15.38
N ARG B 50 16.82 -21.47 -16.36
CA ARG B 50 16.37 -21.40 -17.74
C ARG B 50 15.42 -22.57 -17.82
N LEU B 51 14.12 -22.30 -17.74
CA LEU B 51 13.13 -23.38 -17.71
C LEU B 51 12.84 -23.97 -19.08
N PRO B 52 12.39 -25.23 -19.14
CA PRO B 52 11.98 -25.79 -20.45
C PRO B 52 10.81 -24.99 -21.02
N LYS B 53 10.65 -24.97 -22.34
CA LYS B 53 9.59 -24.18 -22.98
C LYS B 53 8.20 -24.53 -22.49
N TYR B 54 7.90 -25.82 -22.21
CA TYR B 54 6.53 -26.12 -21.71
C TYR B 54 6.28 -25.52 -20.33
N SER B 55 7.34 -25.38 -19.54
CA SER B 55 7.20 -24.76 -18.22
C SER B 55 6.96 -23.28 -18.37
N CYS B 56 7.68 -22.65 -19.28
CA CYS B 56 7.48 -21.21 -19.59
C CYS B 56 6.06 -20.95 -20.05
N GLN B 57 5.59 -21.78 -20.96
N GLN B 57 5.57 -21.76 -20.99
CA GLN B 57 4.24 -21.68 -21.50
CA GLN B 57 4.18 -21.62 -21.48
C GLN B 57 3.20 -21.92 -20.41
C GLN B 57 3.18 -21.90 -20.37
N PHE B 58 3.44 -22.91 -19.53
CA PHE B 58 2.49 -23.23 -18.46
C PHE B 58 2.35 -22.04 -17.49
N ILE B 59 3.47 -21.38 -17.19
CA ILE B 59 3.46 -20.19 -16.33
C ILE B 59 2.63 -19.10 -16.99
N GLU B 60 2.81 -18.89 -18.31
CA GLU B 60 2.01 -17.89 -19.01
C GLU B 60 0.51 -18.23 -18.98
N MET B 61 0.16 -19.51 -19.12
N MET B 61 0.17 -19.49 -19.15
CA MET B 61 -1.25 -19.96 -19.06
CA MET B 61 -1.23 -19.95 -19.09
C MET B 61 -1.83 -19.65 -17.69
C MET B 61 -1.81 -19.64 -17.70
N CYS B 62 -1.05 -19.87 -16.62
CA CYS B 62 -1.50 -19.56 -15.24
C CYS B 62 -1.83 -18.07 -15.09
N LEU B 63 -0.96 -17.22 -15.63
CA LEU B 63 -1.17 -15.76 -15.59
C LEU B 63 -2.41 -15.36 -16.38
N MET B 64 -2.64 -16.02 -17.52
CA MET B 64 -3.81 -15.74 -18.36
C MET B 64 -5.12 -16.17 -17.66
N VAL B 65 -5.15 -17.36 -17.04
CA VAL B 65 -6.40 -17.82 -16.40
C VAL B 65 -6.70 -17.09 -15.10
N THR B 66 -5.69 -16.50 -14.45
CA THR B 66 -5.91 -15.77 -13.20
C THR B 66 -6.02 -14.28 -13.47
N ALA B 67 -5.96 -13.84 -14.73
CA ALA B 67 -5.93 -12.41 -15.05
C ALA B 67 -7.07 -11.61 -14.45
N ASP B 68 -8.29 -12.13 -14.51
CA ASP B 68 -9.41 -11.45 -13.87
C ASP B 68 -10.54 -12.41 -13.58
N HIS B 69 -11.35 -12.07 -12.57
CA HIS B 69 -12.54 -12.82 -12.25
C HIS B 69 -13.69 -11.89 -11.87
N GLY B 70 -13.75 -10.75 -12.55
CA GLY B 70 -14.84 -9.82 -12.40
C GLY B 70 -14.65 -8.77 -11.34
N PRO B 71 -15.62 -7.85 -11.28
CA PRO B 71 -15.50 -6.69 -10.38
C PRO B 71 -16.00 -6.86 -8.96
N ALA B 72 -16.57 -8.03 -8.62
CA ALA B 72 -17.22 -8.27 -7.34
C ALA B 72 -16.32 -8.82 -6.24
N VAL B 73 -15.25 -9.48 -6.65
CA VAL B 73 -14.28 -10.04 -5.71
C VAL B 73 -13.58 -8.92 -4.94
N SER B 74 -13.18 -9.20 -3.70
CA SER B 74 -12.58 -8.22 -2.78
C SER B 74 -11.60 -7.23 -3.40
N GLY B 75 -10.56 -7.74 -4.01
CA GLY B 75 -9.51 -6.89 -4.58
C GLY B 75 -9.96 -6.04 -5.74
N ALA B 76 -10.77 -6.61 -6.65
CA ALA B 76 -11.21 -5.81 -7.83
C ALA B 76 -12.14 -4.71 -7.34
N HIS B 77 -13.00 -5.08 -6.40
CA HIS B 77 -13.95 -4.16 -5.78
C HIS B 77 -13.19 -2.96 -5.14
N ASN B 78 -12.17 -3.25 -4.33
CA ASN B 78 -11.38 -2.20 -3.68
C ASN B 78 -10.66 -1.33 -4.70
N THR B 79 -10.16 -1.97 -5.77
CA THR B 79 -9.50 -1.19 -6.83
C THR B 79 -10.47 -0.21 -7.47
N ILE B 80 -11.67 -0.70 -7.79
CA ILE B 80 -12.74 0.08 -8.41
C ILE B 80 -13.10 1.25 -7.52
N ILE B 81 -13.28 1.00 -6.21
CA ILE B 81 -13.60 2.07 -5.25
C ILE B 81 -12.51 3.13 -5.24
N CYS B 82 -11.27 2.69 -5.21
N CYS B 82 -11.21 2.73 -5.26
CA CYS B 82 -10.15 3.58 -5.17
CA CYS B 82 -10.10 3.68 -5.31
C CYS B 82 -10.06 4.44 -6.47
C CYS B 82 -10.17 4.52 -6.53
N ALA B 83 -10.32 3.86 -7.66
CA ALA B 83 -10.37 4.57 -8.94
C ALA B 83 -11.50 5.58 -8.92
N ARG B 84 -12.66 5.18 -8.39
CA ARG B 84 -13.83 6.04 -8.32
C ARG B 84 -13.66 7.20 -7.31
N ALA B 85 -12.71 7.05 -6.36
CA ALA B 85 -12.33 8.13 -5.44
C ALA B 85 -11.31 9.08 -6.08
N GLY B 86 -10.99 8.89 -7.37
CA GLY B 86 -10.12 9.79 -8.13
C GLY B 86 -8.64 9.54 -7.96
N LYS B 87 -8.26 8.38 -7.41
CA LYS B 87 -6.86 8.06 -7.18
C LYS B 87 -6.17 7.60 -8.44
N ASP B 88 -4.85 7.61 -8.38
CA ASP B 88 -3.97 7.21 -9.47
C ASP B 88 -3.97 5.68 -9.65
N LEU B 89 -3.41 5.25 -10.75
CA LEU B 89 -3.34 3.82 -11.09
C LEU B 89 -2.65 2.97 -10.04
N VAL B 90 -1.44 3.38 -9.60
CA VAL B 90 -0.67 2.58 -8.63
C VAL B 90 -1.41 2.47 -7.29
N SER B 91 -1.94 3.57 -6.77
CA SER B 91 -2.69 3.53 -5.50
C SER B 91 -3.90 2.61 -5.61
N SER B 92 -4.63 2.73 -6.73
CA SER B 92 -5.83 1.92 -6.97
C SER B 92 -5.52 0.46 -7.11
N LEU B 93 -4.49 0.13 -7.86
CA LEU B 93 -4.05 -1.26 -8.00
C LEU B 93 -3.67 -1.82 -6.65
N THR B 94 -2.82 -1.09 -5.93
N THR B 94 -2.81 -1.10 -5.94
CA THR B 94 -2.30 -1.53 -4.64
CA THR B 94 -2.30 -1.54 -4.63
C THR B 94 -3.40 -1.70 -3.59
C THR B 94 -3.40 -1.71 -3.60
N SER B 95 -4.41 -0.83 -3.59
CA SER B 95 -5.53 -0.97 -2.67
C SER B 95 -6.22 -2.34 -2.82
N GLY B 96 -6.32 -2.80 -4.06
CA GLY B 96 -6.87 -4.10 -4.38
C GLY B 96 -5.91 -5.23 -4.10
N LEU B 97 -4.63 -5.08 -4.48
CA LEU B 97 -3.64 -6.14 -4.22
C LEU B 97 -3.50 -6.46 -2.75
N LEU B 98 -3.62 -5.46 -1.88
CA LEU B 98 -3.50 -5.67 -0.44
C LEU B 98 -4.57 -6.58 0.17
N THR B 99 -5.66 -6.90 -0.55
CA THR B 99 -6.69 -7.82 -0.10
C THR B 99 -6.27 -9.27 -0.32
N ILE B 100 -5.17 -9.50 -1.06
CA ILE B 100 -4.72 -10.83 -1.47
C ILE B 100 -3.82 -11.54 -0.48
N GLY B 101 -4.07 -12.83 -0.32
CA GLY B 101 -3.16 -13.68 0.43
C GLY B 101 -3.75 -14.68 1.38
N ASP B 102 -4.96 -14.45 1.87
CA ASP B 102 -5.62 -15.36 2.79
C ASP B 102 -6.91 -15.87 2.20
N ARG B 103 -8.07 -15.31 2.54
CA ARG B 103 -9.36 -15.77 2.02
C ARG B 103 -9.58 -15.48 0.57
N PHE B 104 -8.87 -14.47 0.03
CA PHE B 104 -8.95 -14.09 -1.38
C PHE B 104 -7.56 -14.24 -2.04
N GLY B 105 -7.46 -15.10 -3.02
CA GLY B 105 -6.22 -15.32 -3.73
C GLY B 105 -5.18 -16.19 -3.03
N GLY B 106 -5.48 -16.71 -1.85
CA GLY B 106 -4.54 -17.54 -1.09
C GLY B 106 -4.70 -19.03 -1.27
N ALA B 107 -5.76 -19.48 -1.98
CA ALA B 107 -6.03 -20.93 -2.11
C ALA B 107 -5.04 -21.66 -3.03
N LEU B 108 -4.35 -20.96 -3.98
CA LEU B 108 -3.36 -21.61 -4.86
C LEU B 108 -2.23 -22.15 -3.96
N ASP B 109 -1.71 -21.26 -3.12
CA ASP B 109 -0.64 -21.56 -2.16
C ASP B 109 -1.11 -22.60 -1.13
N ALA B 110 -2.32 -22.41 -0.57
CA ALA B 110 -2.83 -23.34 0.46
C ALA B 110 -3.05 -24.75 -0.10
N ALA B 111 -3.55 -24.85 -1.34
CA ALA B 111 -3.78 -26.16 -1.97
C ALA B 111 -2.45 -26.84 -2.29
N ALA B 112 -1.50 -26.10 -2.86
CA ALA B 112 -0.16 -26.66 -3.13
C ALA B 112 0.46 -27.24 -1.87
N LYS B 113 0.40 -26.51 -0.76
CA LYS B 113 0.97 -26.97 0.51
C LYS B 113 0.27 -28.16 1.10
N MET B 114 -1.07 -28.13 1.11
CA MET B 114 -1.83 -29.21 1.72
C MET B 114 -1.67 -30.50 0.94
N PHE B 115 -1.85 -30.44 -0.38
CA PHE B 115 -1.68 -31.64 -1.21
C PHE B 115 -0.24 -32.16 -1.15
N SER B 116 0.76 -31.27 -1.15
CA SER B 116 2.17 -31.70 -1.07
C SER B 116 2.46 -32.41 0.26
N LYS B 117 1.92 -31.86 1.36
CA LYS B 117 2.12 -32.46 2.68
C LYS B 117 1.51 -33.85 2.72
N ALA B 118 0.29 -34.00 2.21
CA ALA B 118 -0.38 -35.32 2.19
C ALA B 118 0.40 -36.31 1.33
N PHE B 119 0.78 -35.90 0.13
CA PHE B 119 1.54 -36.73 -0.80
C PHE B 119 2.91 -37.14 -0.20
N ASP B 120 3.63 -36.16 0.36
CA ASP B 120 4.97 -36.42 0.92
C ASP B 120 4.95 -37.30 2.18
N SER B 121 3.83 -37.27 2.92
CA SER B 121 3.67 -38.13 4.12
C SER B 121 3.41 -39.60 3.72
N GLY B 122 3.12 -39.87 2.44
CA GLY B 122 2.84 -41.21 1.96
C GLY B 122 1.41 -41.70 2.17
N ILE B 123 0.50 -40.85 2.68
CA ILE B 123 -0.87 -41.30 2.92
C ILE B 123 -1.61 -41.38 1.59
N ILE B 124 -2.40 -42.42 1.40
CA ILE B 124 -3.12 -42.57 0.13
C ILE B 124 -4.31 -41.60 0.08
N PRO B 125 -4.82 -41.28 -1.12
CA PRO B 125 -5.95 -40.33 -1.21
C PRO B 125 -7.17 -40.60 -0.33
N MET B 126 -7.63 -41.86 -0.24
CA MET B 126 -8.78 -42.19 0.62
C MET B 126 -8.47 -41.87 2.08
N GLU B 127 -7.24 -42.17 2.54
CA GLU B 127 -6.83 -41.91 3.92
C GLU B 127 -6.63 -40.45 4.21
N PHE B 128 -6.30 -39.66 3.20
CA PHE B 128 -6.22 -38.21 3.34
C PHE B 128 -7.62 -37.62 3.52
N VAL B 129 -8.58 -38.06 2.70
CA VAL B 129 -9.96 -37.60 2.77
C VAL B 129 -10.55 -37.98 4.14
N ASN B 130 -10.29 -39.20 4.62
CA ASN B 130 -10.76 -39.67 5.94
C ASN B 130 -10.11 -38.86 7.07
N LYS B 131 -8.78 -38.59 6.97
CA LYS B 131 -8.04 -37.82 7.97
C LYS B 131 -8.63 -36.40 8.11
N MET B 132 -8.98 -35.75 6.98
CA MET B 132 -9.55 -34.40 6.97
C MET B 132 -11.00 -34.39 7.47
N LYS B 133 -11.79 -35.39 7.10
CA LYS B 133 -13.19 -35.52 7.55
C LYS B 133 -13.22 -35.75 9.08
N LYS B 134 -12.31 -36.60 9.61
CA LYS B 134 -12.19 -36.85 11.05
C LYS B 134 -11.73 -35.60 11.83
N GLU B 135 -10.78 -34.84 11.27
CA GLU B 135 -10.27 -33.61 11.90
C GLU B 135 -11.18 -32.37 11.66
N GLY B 136 -12.21 -32.53 10.84
CA GLY B 136 -13.14 -31.43 10.53
C GLY B 136 -12.50 -30.30 9.74
N LYS B 137 -11.50 -30.60 8.91
CA LYS B 137 -10.77 -29.59 8.14
C LYS B 137 -11.13 -29.67 6.67
N LEU B 138 -11.34 -28.52 6.02
CA LEU B 138 -11.65 -28.47 4.59
C LEU B 138 -10.40 -28.77 3.77
N ILE B 139 -10.58 -29.43 2.62
CA ILE B 139 -9.51 -29.68 1.69
C ILE B 139 -9.40 -28.43 0.80
N MET B 140 -8.24 -27.77 0.83
CA MET B 140 -7.99 -26.57 0.01
C MET B 140 -7.88 -26.97 -1.46
N GLY B 141 -8.52 -26.21 -2.34
CA GLY B 141 -8.55 -26.46 -3.75
C GLY B 141 -9.62 -27.43 -4.21
N ILE B 142 -10.56 -27.81 -3.30
CA ILE B 142 -11.67 -28.71 -3.62
C ILE B 142 -12.97 -27.93 -3.35
N GLY B 143 -13.92 -28.02 -4.27
CA GLY B 143 -15.22 -27.37 -4.08
C GLY B 143 -15.48 -26.22 -5.01
N HIS B 144 -16.74 -26.12 -5.45
CA HIS B 144 -17.23 -25.05 -6.30
C HIS B 144 -18.69 -24.81 -6.00
N ARG B 145 -19.13 -23.57 -6.11
CA ARG B 145 -20.51 -23.20 -5.82
C ARG B 145 -21.50 -23.81 -6.85
N VAL B 146 -21.11 -23.86 -8.15
CA VAL B 146 -22.00 -24.36 -9.21
C VAL B 146 -21.40 -25.48 -10.07
N LYS B 147 -20.08 -25.46 -10.36
CA LYS B 147 -19.44 -26.47 -11.20
C LYS B 147 -19.38 -27.81 -10.49
N SER B 148 -19.38 -28.87 -11.29
CA SER B 148 -19.49 -30.21 -10.75
C SER B 148 -18.84 -31.20 -11.65
N ILE B 149 -18.85 -32.48 -11.20
CA ILE B 149 -18.32 -33.60 -11.96
C ILE B 149 -18.99 -33.70 -13.34
N ASN B 150 -20.22 -33.16 -13.45
CA ASN B 150 -21.02 -33.18 -14.67
C ASN B 150 -21.04 -31.83 -15.45
N ASN B 151 -20.53 -30.75 -14.83
CA ASN B 151 -20.53 -29.39 -15.37
C ASN B 151 -19.13 -28.80 -15.06
N PRO B 152 -18.13 -29.08 -15.93
CA PRO B 152 -16.76 -28.74 -15.58
C PRO B 152 -16.35 -27.26 -15.62
N ASP B 153 -15.29 -26.94 -14.87
CA ASP B 153 -14.72 -25.60 -14.88
C ASP B 153 -13.77 -25.59 -16.10
N MET B 154 -14.01 -24.71 -17.09
CA MET B 154 -13.23 -24.70 -18.33
C MET B 154 -11.79 -24.25 -18.15
N ARG B 155 -11.50 -23.45 -17.10
CA ARG B 155 -10.11 -23.06 -16.85
C ARG B 155 -9.34 -24.27 -16.35
N VAL B 156 -9.96 -25.06 -15.47
CA VAL B 156 -9.39 -26.30 -14.96
C VAL B 156 -9.12 -27.22 -16.21
N GLN B 157 -10.12 -27.38 -17.08
CA GLN B 157 -9.95 -28.26 -18.27
C GLN B 157 -8.78 -27.82 -19.16
N ILE B 158 -8.67 -26.52 -19.45
CA ILE B 158 -7.59 -25.99 -20.30
C ILE B 158 -6.21 -26.27 -19.67
N LEU B 159 -6.07 -26.00 -18.37
CA LEU B 159 -4.83 -26.25 -17.64
C LEU B 159 -4.51 -27.73 -17.62
N LYS B 160 -5.50 -28.54 -17.29
CA LYS B 160 -5.31 -29.98 -17.19
C LYS B 160 -4.99 -30.59 -18.54
N ASP B 161 -5.60 -30.09 -19.63
CA ASP B 161 -5.32 -30.63 -20.94
C ASP B 161 -3.86 -30.32 -21.31
N TYR B 162 -3.40 -29.08 -21.02
CA TYR B 162 -2.02 -28.72 -21.33
C TYR B 162 -0.99 -29.56 -20.55
N VAL B 163 -1.21 -29.64 -19.27
CA VAL B 163 -0.32 -30.36 -18.34
C VAL B 163 -0.16 -31.83 -18.73
N ARG B 164 -1.25 -32.50 -19.02
CA ARG B 164 -1.17 -33.90 -19.41
C ARG B 164 -0.52 -34.08 -20.80
N GLN B 165 -0.58 -33.08 -21.67
CA GLN B 165 0.05 -33.17 -22.99
C GLN B 165 1.58 -32.94 -22.93
N HIS B 166 2.06 -32.07 -22.02
CA HIS B 166 3.45 -31.60 -21.97
C HIS B 166 4.31 -31.91 -20.75
N PHE B 167 3.71 -32.27 -19.60
CA PHE B 167 4.53 -32.48 -18.39
C PHE B 167 5.07 -33.90 -18.39
N PRO B 168 6.38 -34.13 -18.10
CA PRO B 168 6.90 -35.51 -18.12
C PRO B 168 6.32 -36.38 -17.00
N ALA B 169 5.86 -35.74 -15.93
CA ALA B 169 5.24 -36.45 -14.83
C ALA B 169 4.35 -35.50 -14.06
N THR B 170 3.22 -36.00 -13.56
CA THR B 170 2.26 -35.20 -12.81
C THR B 170 1.80 -35.97 -11.58
N PRO B 171 2.74 -36.43 -10.71
CA PRO B 171 2.31 -37.21 -9.56
C PRO B 171 1.41 -36.47 -8.59
N LEU B 172 1.62 -35.18 -8.33
CA LEU B 172 0.74 -34.46 -7.40
C LEU B 172 -0.65 -34.20 -8.01
N LEU B 173 -0.74 -33.80 -9.30
CA LEU B 173 -2.03 -33.66 -9.98
C LEU B 173 -2.73 -35.02 -9.99
N ASP B 174 -1.99 -36.11 -10.27
CA ASP B 174 -2.60 -37.46 -10.27
C ASP B 174 -3.20 -37.74 -8.90
N TYR B 175 -2.46 -37.41 -7.84
CA TYR B 175 -2.92 -37.61 -6.47
C TYR B 175 -4.17 -36.76 -6.21
N ALA B 176 -4.15 -35.47 -6.58
CA ALA B 176 -5.29 -34.55 -6.43
C ALA B 176 -6.53 -35.07 -7.20
N LEU B 177 -6.34 -35.66 -8.40
CA LEU B 177 -7.46 -36.15 -9.19
C LEU B 177 -8.06 -37.39 -8.57
N GLU B 178 -7.26 -38.19 -7.86
CA GLU B 178 -7.76 -39.34 -7.13
C GLU B 178 -8.58 -38.85 -5.95
N VAL B 179 -8.11 -37.78 -5.26
CA VAL B 179 -8.86 -37.17 -4.16
C VAL B 179 -10.22 -36.69 -4.71
N GLU B 180 -10.24 -36.04 -5.91
CA GLU B 180 -11.46 -35.52 -6.57
C GLU B 180 -12.46 -36.64 -6.84
N LYS B 181 -11.96 -37.81 -7.27
CA LYS B 181 -12.83 -38.96 -7.53
C LYS B 181 -13.52 -39.38 -6.24
N ILE B 182 -12.79 -39.34 -5.12
CA ILE B 182 -13.36 -39.73 -3.82
C ILE B 182 -14.35 -38.66 -3.34
N THR B 183 -14.01 -37.38 -3.39
CA THR B 183 -14.96 -36.36 -2.94
C THR B 183 -16.20 -36.24 -3.83
N THR B 184 -16.05 -36.29 -5.18
CA THR B 184 -17.21 -36.16 -6.09
C THR B 184 -18.16 -37.35 -6.00
N SER B 185 -17.69 -38.54 -5.56
N SER B 185 -17.68 -38.53 -5.55
CA SER B 185 -18.55 -39.71 -5.38
CA SER B 185 -18.54 -39.71 -5.37
C SER B 185 -19.58 -39.46 -4.25
C SER B 185 -19.59 -39.44 -4.27
N LYS B 186 -19.23 -38.62 -3.25
CA LYS B 186 -20.10 -38.26 -2.13
C LYS B 186 -20.93 -37.02 -2.51
N LYS B 187 -20.25 -35.94 -2.94
CA LYS B 187 -20.90 -34.66 -3.29
C LYS B 187 -20.43 -34.20 -4.67
N PRO B 188 -21.32 -34.13 -5.69
CA PRO B 188 -20.88 -33.73 -7.05
C PRO B 188 -20.12 -32.42 -7.21
N ASN B 189 -20.36 -31.43 -6.34
CA ASN B 189 -19.71 -30.12 -6.43
C ASN B 189 -18.29 -30.08 -5.81
N LEU B 190 -17.83 -31.17 -5.19
CA LEU B 190 -16.48 -31.18 -4.59
C LEU B 190 -15.41 -31.53 -5.64
N ILE B 191 -15.36 -30.67 -6.67
CA ILE B 191 -14.42 -30.82 -7.77
C ILE B 191 -13.09 -30.24 -7.39
N LEU B 192 -12.08 -30.56 -8.16
CA LEU B 192 -10.78 -29.94 -8.03
C LEU B 192 -10.93 -28.62 -8.77
N ASN B 193 -10.88 -27.51 -8.02
CA ASN B 193 -11.13 -26.18 -8.58
C ASN B 193 -9.84 -25.57 -9.16
N VAL B 194 -9.95 -24.39 -9.85
CA VAL B 194 -8.81 -23.76 -10.53
C VAL B 194 -7.61 -23.49 -9.61
N ASP B 195 -7.88 -23.10 -8.38
CA ASP B 195 -6.81 -22.83 -7.42
C ASP B 195 -6.11 -24.14 -7.04
N GLY B 196 -6.89 -25.19 -6.77
CA GLY B 196 -6.36 -26.53 -6.53
C GLY B 196 -5.53 -27.02 -7.71
N LEU B 197 -6.04 -26.83 -8.94
CA LEU B 197 -5.33 -27.30 -10.11
C LEU B 197 -4.01 -26.54 -10.33
N ILE B 198 -4.04 -25.21 -10.33
CA ILE B 198 -2.80 -24.42 -10.50
C ILE B 198 -1.80 -24.78 -9.40
N GLY B 199 -2.27 -24.86 -8.15
CA GLY B 199 -1.41 -25.20 -7.03
C GLY B 199 -0.70 -26.52 -7.19
N VAL B 200 -1.43 -27.60 -7.47
CA VAL B 200 -0.77 -28.92 -7.62
C VAL B 200 0.04 -29.01 -8.92
N ALA B 201 -0.45 -28.42 -10.01
CA ALA B 201 0.30 -28.47 -11.27
C ALA B 201 1.60 -27.67 -11.18
N PHE B 202 1.59 -26.56 -10.43
CA PHE B 202 2.80 -25.75 -10.24
C PHE B 202 3.84 -26.52 -9.42
N VAL B 203 3.40 -27.27 -8.42
CA VAL B 203 4.30 -28.12 -7.65
C VAL B 203 4.87 -29.18 -8.62
N ASP B 204 4.00 -29.79 -9.45
CA ASP B 204 4.46 -30.80 -10.41
C ASP B 204 5.52 -30.24 -11.36
N MET B 205 5.33 -29.00 -11.81
N MET B 205 5.32 -28.99 -11.81
CA MET B 205 6.31 -28.37 -12.69
CA MET B 205 6.28 -28.34 -12.69
C MET B 205 7.64 -28.21 -11.98
C MET B 205 7.63 -28.18 -11.99
N LEU B 206 7.65 -27.60 -10.77
CA LEU B 206 8.89 -27.40 -10.01
C LEU B 206 9.58 -28.70 -9.70
N ARG B 207 8.82 -29.71 -9.30
CA ARG B 207 9.42 -30.98 -8.90
C ARG B 207 9.88 -31.87 -10.03
N ASN B 208 9.25 -31.76 -11.21
CA ASN B 208 9.54 -32.70 -12.30
C ASN B 208 10.11 -32.09 -13.57
N CYS B 209 10.21 -30.76 -13.69
CA CYS B 209 10.76 -30.23 -14.93
C CYS B 209 12.27 -30.51 -15.11
N GLY B 210 12.98 -30.82 -14.03
CA GLY B 210 14.42 -31.11 -14.07
C GLY B 210 15.32 -29.95 -13.70
N SER B 211 14.76 -28.73 -13.53
CA SER B 211 15.57 -27.56 -13.18
C SER B 211 15.77 -27.38 -11.68
N PHE B 212 15.00 -28.09 -10.84
CA PHE B 212 15.09 -27.94 -9.40
C PHE B 212 15.33 -29.25 -8.68
N THR B 213 16.03 -29.18 -7.56
CA THR B 213 16.11 -30.29 -6.65
C THR B 213 14.78 -30.23 -5.86
N ARG B 214 14.44 -31.29 -5.14
CA ARG B 214 13.24 -31.27 -4.32
C ARG B 214 13.32 -30.17 -3.24
N GLU B 215 14.50 -29.97 -2.65
CA GLU B 215 14.69 -28.95 -1.63
C GLU B 215 14.40 -27.56 -2.20
N GLU B 216 14.89 -27.28 -3.40
CA GLU B 216 14.61 -25.97 -4.04
C GLU B 216 13.13 -25.80 -4.36
N ALA B 217 12.48 -26.83 -4.92
CA ALA B 217 11.04 -26.80 -5.23
C ALA B 217 10.24 -26.51 -3.96
N ASP B 218 10.55 -27.22 -2.87
CA ASP B 218 9.84 -27.03 -1.59
C ASP B 218 10.08 -25.62 -1.04
N GLU B 219 11.30 -25.11 -1.22
CA GLU B 219 11.60 -23.76 -0.74
C GLU B 219 10.80 -22.71 -1.49
N TYR B 220 10.76 -22.81 -2.82
CA TYR B 220 9.98 -21.82 -3.59
C TYR B 220 8.49 -21.83 -3.25
N ILE B 221 7.92 -22.99 -2.95
CA ILE B 221 6.52 -23.05 -2.51
C ILE B 221 6.42 -22.40 -1.14
N ASP B 222 7.34 -22.73 -0.24
CA ASP B 222 7.33 -22.20 1.14
C ASP B 222 7.44 -20.70 1.22
N ILE B 223 8.28 -20.08 0.39
CA ILE B 223 8.46 -18.63 0.44
C ILE B 223 7.42 -17.84 -0.38
N GLY B 224 6.47 -18.51 -1.03
CA GLY B 224 5.35 -17.85 -1.68
C GLY B 224 5.30 -17.70 -3.19
N ALA B 225 5.99 -18.57 -3.96
CA ALA B 225 5.93 -18.49 -5.43
C ALA B 225 4.50 -18.48 -5.98
N LEU B 226 3.60 -19.31 -5.44
CA LEU B 226 2.19 -19.33 -5.91
C LEU B 226 1.42 -18.09 -5.56
N ASN B 227 1.73 -17.45 -4.41
CA ASN B 227 1.13 -16.16 -4.12
C ASN B 227 1.58 -15.17 -5.19
N GLY B 228 2.86 -15.25 -5.59
CA GLY B 228 3.39 -14.40 -6.65
C GLY B 228 2.65 -14.57 -7.97
N ILE B 229 2.36 -15.81 -8.34
CA ILE B 229 1.62 -16.10 -9.57
C ILE B 229 0.24 -15.44 -9.55
N PHE B 230 -0.52 -15.62 -8.47
CA PHE B 230 -1.84 -15.02 -8.39
C PHE B 230 -1.77 -13.50 -8.45
N VAL B 231 -0.82 -12.92 -7.69
CA VAL B 231 -0.66 -11.47 -7.62
C VAL B 231 -0.30 -10.88 -8.97
N LEU B 232 0.68 -11.47 -9.65
CA LEU B 232 1.11 -10.95 -10.96
C LEU B 232 -0.01 -11.13 -12.00
N GLY B 233 -0.65 -12.29 -11.96
CA GLY B 233 -1.75 -12.57 -12.87
C GLY B 233 -2.92 -11.61 -12.68
N ARG B 234 -3.42 -11.52 -11.44
CA ARG B 234 -4.58 -10.69 -11.14
C ARG B 234 -4.32 -9.18 -11.26
N SER B 235 -3.04 -8.76 -11.20
CA SER B 235 -2.70 -7.35 -11.42
C SER B 235 -3.17 -6.90 -12.80
N MET B 236 -3.16 -7.81 -13.79
N MET B 236 -3.16 -7.80 -13.77
CA MET B 236 -3.64 -7.50 -15.14
CA MET B 236 -3.64 -7.41 -15.10
C MET B 236 -5.11 -7.05 -15.09
C MET B 236 -5.11 -7.01 -15.05
N GLY B 237 -5.94 -7.83 -14.42
CA GLY B 237 -7.36 -7.52 -14.28
C GLY B 237 -7.60 -6.27 -13.47
N PHE B 238 -6.88 -6.11 -12.34
CA PHE B 238 -7.04 -4.92 -11.52
C PHE B 238 -6.66 -3.64 -12.25
N ILE B 239 -5.58 -3.66 -13.05
CA ILE B 239 -5.24 -2.48 -13.84
C ILE B 239 -6.37 -2.22 -14.86
N GLY B 240 -6.90 -3.29 -15.44
CA GLY B 240 -8.01 -3.20 -16.36
C GLY B 240 -9.23 -2.56 -15.73
N HIS B 241 -9.54 -2.92 -14.48
CA HIS B 241 -10.66 -2.32 -13.75
C HIS B 241 -10.44 -0.85 -13.49
N TYR B 242 -9.19 -0.47 -13.15
CA TYR B 242 -8.84 0.93 -12.95
C TYR B 242 -9.12 1.72 -14.24
N LEU B 243 -8.58 1.24 -15.36
CA LEU B 243 -8.75 1.93 -16.65
C LEU B 243 -10.23 2.05 -17.04
N ASP B 244 -10.98 0.98 -16.82
CA ASP B 244 -12.40 0.90 -17.12
C ASP B 244 -13.23 1.94 -16.34
N GLN B 245 -12.98 2.02 -15.03
CA GLN B 245 -13.68 2.99 -14.19
C GLN B 245 -13.37 4.42 -14.63
N LYS B 246 -12.15 4.68 -15.06
CA LYS B 246 -11.76 6.02 -15.54
C LYS B 246 -12.48 6.35 -16.84
N ARG B 247 -12.57 5.38 -17.76
CA ARG B 247 -13.27 5.59 -19.03
C ARG B 247 -14.77 5.72 -18.86
N LEU B 248 -15.36 4.97 -17.93
CA LEU B 248 -16.79 5.01 -17.62
C LEU B 248 -17.18 6.27 -16.82
N LYS B 249 -16.17 7.08 -16.37
CA LYS B 249 -16.36 8.35 -15.67
C LYS B 249 -17.23 8.16 -14.47
N GLN B 250 -16.97 7.06 -13.78
CA GLN B 250 -17.69 6.67 -12.60
C GLN B 250 -17.26 7.57 -11.43
N GLY B 251 -18.25 8.11 -10.74
CA GLY B 251 -18.04 9.03 -9.63
C GLY B 251 -17.82 8.36 -8.29
N LEU B 252 -17.59 9.18 -7.27
CA LEU B 252 -17.33 8.71 -5.92
C LEU B 252 -18.39 7.71 -5.41
N TYR B 253 -17.92 6.58 -4.87
CA TYR B 253 -18.78 5.55 -4.30
C TYR B 253 -18.93 5.77 -2.79
N ARG B 254 -20.10 5.46 -2.25
CA ARG B 254 -20.37 5.47 -0.81
C ARG B 254 -21.35 4.32 -0.59
N HIS B 255 -21.04 3.39 0.30
CA HIS B 255 -21.86 2.21 0.46
C HIS B 255 -23.23 2.56 1.05
N PRO B 256 -24.34 1.96 0.59
CA PRO B 256 -25.65 2.35 1.13
C PRO B 256 -25.86 1.92 2.58
N TRP B 257 -26.46 2.80 3.38
CA TRP B 257 -26.77 2.53 4.79
C TRP B 257 -27.70 1.33 4.98
N ASP B 258 -28.63 1.10 4.04
CA ASP B 258 -29.56 -0.03 4.15
C ASP B 258 -28.86 -1.40 4.11
N ASP B 259 -27.60 -1.45 3.66
CA ASP B 259 -26.86 -2.70 3.62
C ASP B 259 -25.86 -2.82 4.80
N ILE B 260 -25.98 -1.93 5.80
CA ILE B 260 -25.09 -1.91 6.96
C ILE B 260 -25.87 -1.98 8.23
N SER B 261 -25.51 -2.91 9.14
CA SER B 261 -26.14 -3.03 10.43
C SER B 261 -25.20 -2.38 11.44
N TYR B 262 -25.64 -1.28 12.04
CA TYR B 262 -24.87 -0.54 13.04
C TYR B 262 -25.21 -1.13 14.41
N VAL B 263 -24.23 -1.79 15.04
CA VAL B 263 -24.40 -2.47 16.32
C VAL B 263 -23.50 -1.84 17.35
N LEU B 264 -23.66 -0.52 17.54
CA LEU B 264 -22.85 0.22 18.52
C LEU B 264 -23.32 -0.08 19.93
N PRO B 265 -22.46 0.15 20.96
CA PRO B 265 -22.95 0.05 22.35
C PRO B 265 -24.08 1.04 22.60
N GLU B 266 -24.99 0.71 23.53
CA GLU B 266 -26.16 1.51 23.93
C GLU B 266 -25.90 3.03 23.96
N PRO C 6 -31.07 -9.15 4.69
CA PRO C 6 -30.05 -9.06 5.73
C PRO C 6 -28.85 -8.22 5.29
N ALA C 7 -28.30 -7.42 6.23
CA ALA C 7 -27.19 -6.52 5.92
C ALA C 7 -25.92 -7.32 5.68
N SER C 8 -25.12 -6.92 4.68
N SER C 8 -25.11 -6.89 4.70
CA SER C 8 -23.87 -7.63 4.40
CA SER C 8 -23.85 -7.55 4.35
C SER C 8 -22.72 -7.09 5.26
C SER C 8 -22.69 -7.03 5.18
N PHE C 9 -22.84 -5.85 5.82
CA PHE C 9 -21.82 -5.25 6.67
C PHE C 9 -22.37 -5.06 8.05
N MET C 10 -21.53 -5.29 9.06
CA MET C 10 -21.86 -5.02 10.48
C MET C 10 -20.77 -4.10 10.99
N THR C 11 -21.12 -3.17 11.85
CA THR C 11 -20.15 -2.22 12.39
C THR C 11 -20.52 -1.84 13.81
N SER C 12 -19.53 -1.64 14.67
CA SER C 12 -19.77 -1.32 16.08
C SER C 12 -19.20 -0.01 16.57
N ILE C 13 -18.42 0.72 15.77
CA ILE C 13 -17.58 1.78 16.31
C ILE C 13 -18.06 3.21 16.12
N CYS C 14 -18.73 3.48 15.01
CA CYS C 14 -19.09 4.85 14.69
C CYS C 14 -20.39 4.91 13.91
N ASP C 15 -21.29 5.81 14.29
CA ASP C 15 -22.55 6.01 13.59
C ASP C 15 -22.63 7.46 13.16
N GLU C 16 -22.60 7.69 11.84
CA GLU C 16 -22.67 9.02 11.25
C GLU C 16 -24.06 9.35 10.66
N ARG C 17 -25.05 8.49 10.85
CA ARG C 17 -26.35 8.67 10.22
C ARG C 17 -27.25 9.71 10.87
N GLY C 18 -27.08 9.93 12.15
CA GLY C 18 -27.95 10.81 12.92
C GLY C 18 -27.64 12.29 12.80
N GLN C 19 -28.25 13.06 13.70
CA GLN C 19 -28.07 14.52 13.79
C GLN C 19 -26.66 14.91 14.19
N GLU C 20 -26.01 14.06 14.94
CA GLU C 20 -24.67 14.25 15.46
C GLU C 20 -23.86 12.98 15.31
N LEU C 21 -22.56 13.11 15.00
CA LEU C 21 -21.63 12.00 14.90
C LEU C 21 -21.52 11.31 16.26
N ILE C 22 -21.54 9.97 16.28
N ILE C 22 -21.51 9.97 16.27
CA ILE C 22 -21.43 9.16 17.49
CA ILE C 22 -21.40 9.17 17.48
C ILE C 22 -20.19 8.26 17.39
C ILE C 22 -20.17 8.25 17.39
N TYR C 23 -19.35 8.23 18.44
CA TYR C 23 -18.19 7.31 18.55
C TYR C 23 -18.56 6.32 19.66
N ALA C 24 -18.84 5.06 19.29
CA ALA C 24 -19.16 3.98 20.23
C ALA C 24 -20.20 4.34 21.29
N GLY C 25 -21.28 4.95 20.88
CA GLY C 25 -22.38 5.35 21.77
C GLY C 25 -22.28 6.73 22.38
N MET C 26 -21.12 7.41 22.24
CA MET C 26 -20.88 8.74 22.78
C MET C 26 -21.00 9.80 21.68
N PRO C 27 -22.00 10.72 21.75
CA PRO C 27 -22.04 11.80 20.75
C PRO C 27 -20.77 12.64 20.78
N ILE C 28 -20.34 13.15 19.65
CA ILE C 28 -19.10 13.92 19.55
C ILE C 28 -19.07 15.12 20.53
N THR C 29 -20.20 15.79 20.78
CA THR C 29 -20.20 16.92 21.72
C THR C 29 -19.87 16.42 23.15
N GLU C 30 -20.31 15.20 23.51
CA GLU C 30 -20.01 14.61 24.82
C GLU C 30 -18.55 14.18 24.91
N VAL C 31 -17.97 13.70 23.79
CA VAL C 31 -16.54 13.37 23.74
C VAL C 31 -15.72 14.60 24.18
N PHE C 32 -16.06 15.78 23.62
CA PHE C 32 -15.38 17.02 23.98
C PHE C 32 -15.75 17.55 25.37
N LYS C 33 -17.03 17.50 25.72
CA LYS C 33 -17.48 17.94 27.05
C LYS C 33 -16.78 17.16 28.18
N GLU C 34 -16.57 15.85 27.97
N GLU C 34 -16.59 15.85 27.98
CA GLU C 34 -15.89 14.97 28.92
CA GLU C 34 -15.91 14.97 28.95
C GLU C 34 -14.36 15.00 28.82
C GLU C 34 -14.37 15.03 28.86
N GLU C 35 -13.81 15.84 27.92
CA GLU C 35 -12.37 16.03 27.72
C GLU C 35 -11.65 14.70 27.52
N MET C 36 -12.23 13.85 26.67
N MET C 36 -12.21 13.85 26.69
CA MET C 36 -11.74 12.50 26.38
CA MET C 36 -11.66 12.51 26.48
C MET C 36 -10.36 12.50 25.70
C MET C 36 -10.34 12.49 25.69
N GLY C 37 -10.10 13.51 24.85
CA GLY C 37 -8.87 13.59 24.09
C GLY C 37 -8.72 12.49 23.04
N ILE C 38 -7.54 12.43 22.43
CA ILE C 38 -7.21 11.43 21.42
C ILE C 38 -7.25 10.04 22.04
N GLY C 39 -6.71 9.92 23.23
CA GLY C 39 -6.67 8.66 23.98
C GLY C 39 -8.04 8.07 24.23
N GLY C 40 -8.97 8.93 24.60
CA GLY C 40 -10.35 8.55 24.86
C GLY C 40 -11.11 8.24 23.60
N VAL C 41 -10.87 8.98 22.51
CA VAL C 41 -11.41 8.68 21.18
C VAL C 41 -10.91 7.27 20.74
N LEU C 42 -9.62 6.97 20.97
CA LEU C 42 -9.07 5.64 20.65
C LEU C 42 -9.76 4.57 21.47
N GLY C 43 -10.00 4.82 22.75
CA GLY C 43 -10.70 3.86 23.58
C GLY C 43 -12.09 3.55 23.05
N LEU C 44 -12.79 4.57 22.56
CA LEU C 44 -14.12 4.38 21.98
C LEU C 44 -14.05 3.65 20.63
N LEU C 45 -13.22 4.16 19.68
CA LEU C 45 -13.14 3.56 18.35
C LEU C 45 -12.51 2.18 18.30
N TRP C 46 -11.46 1.91 19.09
CA TRP C 46 -10.77 0.61 19.04
C TRP C 46 -11.38 -0.42 19.99
N PHE C 47 -11.82 0.03 21.16
CA PHE C 47 -12.29 -0.91 22.20
C PHE C 47 -13.74 -0.77 22.60
N GLN C 48 -14.46 0.25 22.09
CA GLN C 48 -15.85 0.54 22.45
C GLN C 48 -16.02 0.68 23.96
N LYS C 49 -15.05 1.31 24.62
CA LYS C 49 -15.08 1.56 26.06
C LYS C 49 -14.84 3.02 26.34
N ARG C 50 -15.38 3.49 27.46
CA ARG C 50 -15.08 4.85 27.95
C ARG C 50 -13.99 4.54 28.97
N LEU C 51 -12.73 4.73 28.59
CA LEU C 51 -11.63 4.37 29.48
C LEU C 51 -11.40 5.39 30.58
N PRO C 52 -10.82 4.98 31.73
CA PRO C 52 -10.44 5.98 32.74
C PRO C 52 -9.42 6.96 32.18
N LYS C 53 -9.40 8.19 32.69
CA LYS C 53 -8.50 9.22 32.20
C LYS C 53 -7.01 8.81 32.21
N TYR C 54 -6.54 8.11 33.23
CA TYR C 54 -5.14 7.67 33.24
C TYR C 54 -4.82 6.68 32.10
N SER C 55 -5.82 5.89 31.68
CA SER C 55 -5.64 4.96 30.57
C SER C 55 -5.58 5.74 29.26
N CYS C 56 -6.45 6.77 29.12
CA CYS C 56 -6.45 7.65 27.95
C CYS C 56 -5.10 8.31 27.82
N GLN C 57 -4.58 8.90 28.91
CA GLN C 57 -3.29 9.59 28.89
C GLN C 57 -2.14 8.65 28.62
N PHE C 58 -2.15 7.44 29.20
CA PHE C 58 -1.14 6.43 28.92
C PHE C 58 -1.10 6.09 27.42
N ILE C 59 -2.26 5.87 26.82
CA ILE C 59 -2.34 5.60 25.36
C ILE C 59 -1.70 6.77 24.61
N GLU C 60 -2.00 8.01 25.00
CA GLU C 60 -1.39 9.18 24.33
C GLU C 60 0.12 9.19 24.51
N MET C 61 0.61 8.83 25.71
N MET C 61 0.60 8.85 25.72
CA MET C 61 2.05 8.75 26.00
CA MET C 61 2.03 8.78 26.01
C MET C 61 2.71 7.72 25.08
C MET C 61 2.70 7.73 25.08
N CYS C 62 2.05 6.57 24.87
CA CYS C 62 2.57 5.51 23.96
C CYS C 62 2.74 6.05 22.54
N LEU C 63 1.74 6.79 22.06
CA LEU C 63 1.80 7.37 20.71
C LEU C 63 2.89 8.41 20.61
N MET C 64 3.10 9.20 21.69
CA MET C 64 4.16 10.20 21.70
C MET C 64 5.55 9.56 21.68
N VAL C 65 5.77 8.50 22.49
CA VAL C 65 7.12 7.91 22.55
C VAL C 65 7.45 7.10 21.30
N THR C 66 6.45 6.61 20.57
CA THR C 66 6.67 5.83 19.35
C THR C 66 6.59 6.69 18.10
N ALA C 67 6.37 8.01 18.25
CA ALA C 67 6.13 8.89 17.10
C ALA C 67 7.21 8.82 16.05
N ASP C 68 8.48 8.85 16.44
CA ASP C 68 9.55 8.69 15.47
C ASP C 68 10.82 8.18 16.12
N HIS C 69 11.65 7.50 15.32
CA HIS C 69 12.95 7.04 15.77
C HIS C 69 14.01 7.23 14.70
N GLY C 70 13.88 8.31 13.96
CA GLY C 70 14.86 8.70 12.95
C GLY C 70 14.62 8.16 11.57
N PRO C 71 15.48 8.60 10.64
CA PRO C 71 15.30 8.26 9.22
C PRO C 71 15.92 6.97 8.73
N ALA C 72 16.66 6.26 9.59
CA ALA C 72 17.44 5.08 9.21
C ALA C 72 16.70 3.78 9.29
N VAL C 73 15.67 3.74 10.14
CA VAL C 73 14.86 2.54 10.31
C VAL C 73 14.10 2.22 9.02
N SER C 74 13.83 0.95 8.79
CA SER C 74 13.20 0.44 7.55
C SER C 74 12.07 1.30 7.00
N GLY C 75 11.05 1.52 7.80
CA GLY C 75 9.87 2.25 7.36
C GLY C 75 10.10 3.71 7.05
N ALA C 76 10.86 4.40 7.92
CA ALA C 76 11.16 5.83 7.70
C ALA C 76 12.00 5.97 6.41
N HIS C 77 12.96 5.06 6.23
CA HIS C 77 13.84 5.01 5.06
C HIS C 77 13.01 4.84 3.78
N ASN C 78 12.09 3.86 3.78
CA ASN C 78 11.22 3.63 2.61
C ASN C 78 10.33 4.84 2.30
N THR C 79 9.79 5.49 3.34
CA THR C 79 8.95 6.69 3.16
C THR C 79 9.76 7.79 2.51
N ILE C 80 11.02 7.99 3.00
CA ILE C 80 11.93 9.00 2.47
C ILE C 80 12.21 8.74 1.00
N ILE C 81 12.52 7.48 0.65
CA ILE C 81 12.77 7.10 -0.74
C ILE C 81 11.57 7.41 -1.62
N CYS C 82 10.40 7.04 -1.13
N CYS C 82 10.34 7.10 -1.15
CA CYS C 82 9.20 7.24 -1.87
CA CYS C 82 9.12 7.41 -1.91
C CYS C 82 8.89 8.77 -2.07
C CYS C 82 8.99 8.86 -2.12
N ALA C 83 9.13 9.63 -1.05
CA ALA C 83 8.98 11.09 -1.14
C ALA C 83 9.99 11.65 -2.15
N ARG C 84 11.23 11.11 -2.11
CA ARG C 84 12.30 11.53 -3.01
C ARG C 84 12.07 11.12 -4.46
N ALA C 85 11.22 10.10 -4.67
CA ALA C 85 10.80 9.68 -6.00
C ALA C 85 9.63 10.55 -6.53
N GLY C 86 9.23 11.58 -5.76
CA GLY C 86 8.20 12.54 -6.16
C GLY C 86 6.78 12.09 -5.91
N LYS C 87 6.59 11.07 -5.07
CA LYS C 87 5.24 10.55 -4.80
C LYS C 87 4.53 11.38 -3.76
N ASP C 88 3.22 11.20 -3.72
CA ASP C 88 2.31 11.90 -2.81
C ASP C 88 2.48 11.40 -1.36
N LEU C 89 1.86 12.12 -0.44
CA LEU C 89 1.94 11.83 0.98
C LEU C 89 1.44 10.44 1.34
N VAL C 90 0.25 10.06 0.87
CA VAL C 90 -0.34 8.77 1.22
C VAL C 90 0.50 7.61 0.70
N SER C 91 0.94 7.67 -0.57
CA SER C 91 1.79 6.62 -1.14
C SER C 91 3.08 6.47 -0.35
N SER C 92 3.69 7.61 0.00
CA SER C 92 4.97 7.64 0.73
C SER C 92 4.83 7.11 2.12
N LEU C 93 3.79 7.54 2.83
CA LEU C 93 3.53 7.02 4.15
C LEU C 93 3.32 5.50 4.09
N THR C 94 2.45 5.06 3.19
N THR C 94 2.44 5.06 3.20
CA THR C 94 2.09 3.65 3.07
CA THR C 94 2.09 3.64 3.08
C THR C 94 3.27 2.78 2.70
C THR C 94 3.28 2.78 2.70
N SER C 95 4.19 3.28 1.84
CA SER C 95 5.38 2.52 1.48
C SER C 95 6.22 2.18 2.73
N GLY C 96 6.28 3.12 3.68
CA GLY C 96 6.95 2.94 4.95
C GLY C 96 6.17 2.08 5.92
N LEU C 97 4.84 2.33 6.04
CA LEU C 97 4.01 1.51 6.93
C LEU C 97 4.03 0.04 6.60
N LEU C 98 4.12 -0.30 5.31
CA LEU C 98 4.14 -1.70 4.90
C LEU C 98 5.37 -2.49 5.37
N THR C 99 6.41 -1.83 5.89
CA THR C 99 7.57 -2.51 6.45
C THR C 99 7.30 -2.98 7.90
N ILE C 100 6.18 -2.55 8.51
CA ILE C 100 5.87 -2.81 9.90
C ILE C 100 5.15 -4.11 10.18
N GLY C 101 5.56 -4.77 11.27
CA GLY C 101 4.82 -5.91 11.78
C GLY C 101 5.61 -7.10 12.22
N ASP C 102 6.81 -7.29 11.70
CA ASP C 102 7.64 -8.45 12.06
C ASP C 102 8.94 -7.98 12.71
N ARG C 103 10.04 -7.88 11.97
CA ARG C 103 11.34 -7.46 12.49
C ARG C 103 11.41 -6.00 12.83
N PHE C 104 10.54 -5.18 12.22
CA PHE C 104 10.44 -3.75 12.49
C PHE C 104 9.04 -3.41 13.01
N GLY C 105 8.95 -2.88 14.22
CA GLY C 105 7.69 -2.49 14.81
C GLY C 105 6.83 -3.60 15.38
N GLY C 106 7.29 -4.85 15.33
CA GLY C 106 6.53 -5.99 15.84
C GLY C 106 6.86 -6.40 17.27
N ALA C 107 7.88 -5.79 17.90
CA ALA C 107 8.31 -6.19 19.22
C ALA C 107 7.35 -5.80 20.35
N LEU C 108 6.51 -4.77 20.19
CA LEU C 108 5.53 -4.40 21.23
C LEU C 108 4.57 -5.59 21.42
N ASP C 109 4.00 -6.04 20.29
CA ASP C 109 3.09 -7.18 20.25
C ASP C 109 3.78 -8.47 20.72
N ALA C 110 5.00 -8.72 20.22
CA ALA C 110 5.73 -9.95 20.59
C ALA C 110 6.09 -9.99 22.08
N ALA C 111 6.49 -8.84 22.65
CA ALA C 111 6.82 -8.78 24.09
C ALA C 111 5.56 -8.97 24.95
N ALA C 112 4.48 -8.30 24.60
CA ALA C 112 3.19 -8.48 25.31
C ALA C 112 2.81 -9.95 25.37
N LYS C 113 2.87 -10.63 24.23
CA LYS C 113 2.50 -12.05 24.16
C LYS C 113 3.45 -12.95 24.94
N MET C 114 4.78 -12.75 24.79
CA MET C 114 5.76 -13.61 25.44
C MET C 114 5.73 -13.45 26.95
N PHE C 115 5.74 -12.21 27.43
CA PHE C 115 5.67 -11.98 28.89
C PHE C 115 4.34 -12.46 29.47
N SER C 116 3.20 -12.24 28.75
CA SER C 116 1.88 -12.74 29.24
C SER C 116 1.89 -14.24 29.36
N LYS C 117 2.44 -14.94 28.35
CA LYS C 117 2.50 -16.40 28.36
C LYS C 117 3.34 -16.89 29.54
N ALA C 118 4.50 -16.30 29.76
CA ALA C 118 5.38 -16.71 30.87
C ALA C 118 4.69 -16.46 32.22
N PHE C 119 4.11 -15.28 32.39
CA PHE C 119 3.39 -14.92 33.61
C PHE C 119 2.21 -15.83 33.86
N ASP C 120 1.37 -16.02 32.84
CA ASP C 120 0.15 -16.84 32.97
C ASP C 120 0.48 -18.31 33.27
N SER C 121 1.62 -18.81 32.75
CA SER C 121 2.04 -20.20 32.97
C SER C 121 2.54 -20.44 34.40
N GLY C 122 2.76 -19.37 35.16
CA GLY C 122 3.21 -19.50 36.55
C GLY C 122 4.71 -19.72 36.70
N ILE C 123 5.49 -19.66 35.62
CA ILE C 123 6.94 -19.87 35.75
C ILE C 123 7.56 -18.63 36.35
N ILE C 124 8.49 -18.82 37.28
CA ILE C 124 9.04 -17.64 37.95
C ILE C 124 10.05 -16.96 37.03
N PRO C 125 10.34 -15.66 37.23
CA PRO C 125 11.27 -14.97 36.32
C PRO C 125 12.63 -15.65 36.08
N MET C 126 13.29 -16.16 37.12
CA MET C 126 14.57 -16.87 36.95
C MET C 126 14.46 -18.09 36.05
N GLU C 127 13.41 -18.85 36.20
CA GLU C 127 13.24 -20.04 35.41
C GLU C 127 12.84 -19.72 33.99
N PHE C 128 12.11 -18.59 33.75
CA PHE C 128 11.78 -18.09 32.41
C PHE C 128 13.10 -17.76 31.70
N VAL C 129 14.00 -17.04 32.37
CA VAL C 129 15.29 -16.65 31.80
C VAL C 129 16.13 -17.87 31.48
N ASN C 130 16.30 -18.79 32.47
CA ASN C 130 17.10 -20.01 32.25
C ASN C 130 16.52 -20.92 31.17
N LYS C 131 15.17 -20.95 31.00
CA LYS C 131 14.52 -21.72 29.94
C LYS C 131 14.82 -21.12 28.55
N MET C 132 14.69 -19.80 28.41
CA MET C 132 14.94 -19.14 27.13
C MET C 132 16.43 -19.29 26.77
N LYS C 133 17.33 -19.22 27.76
CA LYS C 133 18.77 -19.40 27.55
C LYS C 133 19.05 -20.85 27.07
N LYS C 134 18.39 -21.85 27.68
CA LYS C 134 18.51 -23.27 27.27
C LYS C 134 17.96 -23.52 25.86
N GLU C 135 16.81 -22.91 25.52
CA GLU C 135 16.19 -23.07 24.20
C GLU C 135 16.82 -22.17 23.12
N GLY C 136 17.75 -21.29 23.50
CA GLY C 136 18.43 -20.38 22.58
C GLY C 136 17.50 -19.36 21.96
N LYS C 137 16.46 -18.92 22.70
CA LYS C 137 15.46 -17.96 22.20
C LYS C 137 15.63 -16.63 22.89
N LEU C 138 15.56 -15.54 22.12
CA LEU C 138 15.68 -14.19 22.68
C LEU C 138 14.40 -13.82 23.41
N ILE C 139 14.53 -13.04 24.48
CA ILE C 139 13.40 -12.52 25.22
C ILE C 139 12.98 -11.25 24.47
N MET C 140 11.74 -11.21 23.96
CA MET C 140 11.22 -10.05 23.25
C MET C 140 11.00 -8.93 24.25
N GLY C 141 11.41 -7.72 23.89
CA GLY C 141 11.26 -6.56 24.77
C GLY C 141 12.38 -6.39 25.77
N ILE C 142 13.45 -7.21 25.65
CA ILE C 142 14.65 -7.12 26.47
C ILE C 142 15.83 -6.85 25.55
N GLY C 143 16.70 -5.92 25.96
CA GLY C 143 17.90 -5.66 25.22
C GLY C 143 17.93 -4.29 24.57
N HIS C 144 19.14 -3.72 24.59
CA HIS C 144 19.42 -2.43 23.98
C HIS C 144 20.85 -2.40 23.51
N ARG C 145 21.10 -1.71 22.41
CA ARG C 145 22.45 -1.64 21.83
C ARG C 145 23.42 -0.87 22.75
N VAL C 146 22.96 0.20 23.43
CA VAL C 146 23.84 1.04 24.28
C VAL C 146 23.33 1.26 25.70
N LYS C 147 22.02 1.37 25.91
CA LYS C 147 21.46 1.65 27.22
C LYS C 147 21.64 0.47 28.14
N SER C 148 21.64 0.75 29.47
CA SER C 148 21.93 -0.29 30.47
C SER C 148 21.25 0.01 31.77
N ILE C 149 21.25 -0.93 32.69
CA ILE C 149 20.50 -0.78 33.96
C ILE C 149 20.76 0.55 34.67
N ASN C 150 22.00 0.97 34.78
CA ASN C 150 22.27 2.25 35.45
C ASN C 150 22.56 3.38 34.46
N ASN C 151 22.05 3.23 33.21
CA ASN C 151 22.06 4.25 32.14
C ASN C 151 20.74 4.01 31.39
N PRO C 152 19.62 4.37 32.01
CA PRO C 152 18.31 3.99 31.46
C PRO C 152 17.85 4.66 30.16
N ASP C 153 16.89 4.01 29.48
CA ASP C 153 16.21 4.62 28.33
C ASP C 153 15.16 5.53 28.95
N MET C 154 15.25 6.83 28.72
CA MET C 154 14.35 7.76 29.34
C MET C 154 12.91 7.57 28.89
N ARG C 155 12.66 6.99 27.71
CA ARG C 155 11.28 6.73 27.31
C ARG C 155 10.67 5.64 28.23
N VAL C 156 11.46 4.60 28.54
CA VAL C 156 11.03 3.55 29.45
C VAL C 156 10.71 4.18 30.82
N GLN C 157 11.60 5.08 31.32
CA GLN C 157 11.44 5.70 32.63
C GLN C 157 10.19 6.52 32.71
N ILE C 158 9.93 7.31 31.69
CA ILE C 158 8.74 8.17 31.65
C ILE C 158 7.47 7.32 31.72
N LEU C 159 7.37 6.27 30.89
CA LEU C 159 6.21 5.38 30.88
C LEU C 159 6.04 4.68 32.21
N LYS C 160 7.12 4.15 32.73
CA LYS C 160 7.11 3.40 33.97
C LYS C 160 6.64 4.23 35.17
N ASP C 161 7.10 5.46 35.26
CA ASP C 161 6.67 6.36 36.35
C ASP C 161 5.15 6.56 36.28
N TYR C 162 4.63 6.83 35.10
CA TYR C 162 3.22 7.10 34.90
C TYR C 162 2.39 5.88 35.24
N VAL C 163 2.77 4.75 34.66
CA VAL C 163 2.04 3.49 34.81
C VAL C 163 1.97 3.01 36.24
N ARG C 164 3.10 2.98 36.89
CA ARG C 164 3.15 2.53 38.30
C ARG C 164 2.42 3.46 39.24
N GLN C 165 2.41 4.77 38.94
CA GLN C 165 1.70 5.68 39.82
C GLN C 165 0.19 5.55 39.70
N HIS C 166 -0.33 5.49 38.46
CA HIS C 166 -1.75 5.60 38.17
C HIS C 166 -2.53 4.31 37.95
N PHE C 167 -1.88 3.21 37.54
CA PHE C 167 -2.65 1.99 37.32
C PHE C 167 -3.04 1.36 38.67
N PRO C 168 -4.21 0.70 38.77
CA PRO C 168 -4.58 0.06 40.06
C PRO C 168 -3.58 -1.03 40.45
N ALA C 169 -3.01 -1.69 39.43
CA ALA C 169 -1.97 -2.70 39.61
C ALA C 169 -1.20 -2.87 38.32
N THR C 170 0.06 -3.33 38.41
CA THR C 170 0.88 -3.58 37.23
C THR C 170 1.57 -4.95 37.38
N PRO C 171 0.82 -6.06 37.49
CA PRO C 171 1.46 -7.36 37.73
C PRO C 171 2.39 -7.85 36.61
N LEU C 172 2.06 -7.57 35.36
CA LEU C 172 2.93 -8.00 34.27
C LEU C 172 4.20 -7.16 34.21
N LEU C 173 4.07 -5.85 34.40
CA LEU C 173 5.23 -5.00 34.48
C LEU C 173 6.11 -5.42 35.63
N ASP C 174 5.53 -5.76 36.82
CA ASP C 174 6.33 -6.21 37.98
C ASP C 174 7.14 -7.46 37.64
N TYR C 175 6.51 -8.37 36.90
CA TYR C 175 7.16 -9.60 36.44
C TYR C 175 8.30 -9.28 35.47
N ALA C 176 8.01 -8.41 34.48
CA ALA C 176 9.02 -8.02 33.48
C ALA C 176 10.22 -7.33 34.14
N LEU C 177 9.96 -6.50 35.20
CA LEU C 177 11.06 -5.85 35.93
C LEU C 177 11.89 -6.84 36.73
N GLU C 178 11.31 -7.92 37.23
CA GLU C 178 12.08 -8.98 37.90
C GLU C 178 12.97 -9.68 36.87
N VAL C 179 12.44 -9.93 35.66
CA VAL C 179 13.22 -10.52 34.56
C VAL C 179 14.39 -9.60 34.26
N GLU C 180 14.13 -8.29 34.13
CA GLU C 180 15.18 -7.31 33.87
C GLU C 180 16.30 -7.37 34.93
N LYS C 181 15.96 -7.47 36.23
CA LYS C 181 16.95 -7.56 37.31
C LYS C 181 17.87 -8.74 37.09
N ILE C 182 17.30 -9.86 36.62
CA ILE C 182 18.08 -11.06 36.34
C ILE C 182 18.93 -10.89 35.09
N THR C 183 18.33 -10.41 33.99
CA THR C 183 19.10 -10.30 32.76
C THR C 183 20.22 -9.26 32.89
N THR C 184 19.96 -8.08 33.52
CA THR C 184 20.97 -7.03 33.70
C THR C 184 22.10 -7.41 34.71
N SER C 185 21.90 -8.44 35.57
CA SER C 185 22.94 -8.91 36.49
C SER C 185 24.08 -9.56 35.70
N LYS C 186 23.76 -10.17 34.54
CA LYS C 186 24.72 -10.89 33.70
C LYS C 186 25.34 -9.93 32.67
N LYS C 187 24.49 -9.20 31.92
CA LYS C 187 24.90 -8.27 30.88
C LYS C 187 24.13 -6.95 31.11
N PRO C 188 24.77 -5.87 31.59
CA PRO C 188 24.02 -4.63 31.86
C PRO C 188 23.14 -4.09 30.74
N ASN C 189 23.43 -4.39 29.47
CA ASN C 189 22.61 -3.89 28.35
C ASN C 189 21.28 -4.65 28.14
N LEU C 190 20.99 -5.74 28.90
CA LEU C 190 19.75 -6.49 28.75
C LEU C 190 18.60 -5.86 29.57
N ILE C 191 18.33 -4.60 29.30
CA ILE C 191 17.28 -3.86 29.98
C ILE C 191 15.91 -4.14 29.35
N LEU C 192 14.88 -3.75 30.06
CA LEU C 192 13.52 -3.77 29.57
C LEU C 192 13.47 -2.55 28.62
N ASN C 193 13.29 -2.81 27.34
CA ASN C 193 13.35 -1.75 26.35
C ASN C 193 11.96 -1.14 26.16
N VAL C 194 11.90 -0.10 25.37
CA VAL C 194 10.63 0.61 25.19
C VAL C 194 9.51 -0.29 24.64
N ASP C 195 9.84 -1.19 23.74
CA ASP C 195 8.86 -2.11 23.18
C ASP C 195 8.35 -3.07 24.26
N GLY C 196 9.26 -3.56 25.07
CA GLY C 196 8.88 -4.42 26.20
C GLY C 196 8.03 -3.69 27.22
N LEU C 197 8.40 -2.43 27.54
CA LEU C 197 7.65 -1.68 28.52
C LEU C 197 6.23 -1.36 28.02
N ILE C 198 6.11 -0.86 26.78
CA ILE C 198 4.78 -0.58 26.24
C ILE C 198 3.95 -1.86 26.17
N GLY C 199 4.55 -2.95 25.68
CA GLY C 199 3.84 -4.23 25.56
C GLY C 199 3.28 -4.73 26.88
N VAL C 200 4.10 -4.81 27.92
CA VAL C 200 3.63 -5.31 29.21
C VAL C 200 2.69 -4.30 29.90
N ALA C 201 2.98 -3.00 29.79
CA ALA C 201 2.13 -2.01 30.44
C ALA C 201 0.75 -1.97 29.77
N PHE C 202 0.70 -2.19 28.46
CA PHE C 202 -0.58 -2.21 27.72
C PHE C 202 -1.42 -3.39 28.14
N VAL C 203 -0.80 -4.54 28.38
CA VAL C 203 -1.52 -5.72 28.89
C VAL C 203 -2.04 -5.38 30.29
N ASP C 204 -1.19 -4.75 31.14
CA ASP C 204 -1.61 -4.36 32.48
C ASP C 204 -2.81 -3.41 32.45
N MET C 205 -2.82 -2.46 31.50
N MET C 205 -2.82 -2.46 31.50
CA MET C 205 -3.93 -1.52 31.37
CA MET C 205 -3.90 -1.51 31.35
C MET C 205 -5.21 -2.28 31.02
C MET C 205 -5.20 -2.24 31.00
N LEU C 206 -5.17 -3.11 29.98
CA LEU C 206 -6.36 -3.84 29.56
C LEU C 206 -6.88 -4.77 30.64
N ARG C 207 -5.96 -5.46 31.33
CA ARG C 207 -6.37 -6.44 32.35
C ARG C 207 -6.83 -5.81 33.67
N ASN C 208 -6.32 -4.60 34.01
CA ASN C 208 -6.60 -4.03 35.32
C ASN C 208 -7.31 -2.70 35.35
N CYS C 209 -7.57 -2.05 34.22
CA CYS C 209 -8.27 -0.75 34.31
C CYS C 209 -9.75 -0.88 34.73
N GLY C 210 -10.34 -2.06 34.60
CA GLY C 210 -11.73 -2.29 34.97
C GLY C 210 -12.72 -2.24 33.82
N SER C 211 -12.29 -1.80 32.61
CA SER C 211 -13.20 -1.73 31.46
C SER C 211 -13.29 -3.00 30.66
N PHE C 212 -12.38 -3.98 30.88
CA PHE C 212 -12.37 -5.22 30.12
C PHE C 212 -12.45 -6.44 31.00
N THR C 213 -13.08 -7.48 30.49
CA THR C 213 -13.01 -8.79 31.11
C THR C 213 -11.64 -9.33 30.66
N ARG C 214 -11.16 -10.40 31.28
CA ARG C 214 -9.90 -11.01 30.85
C ARG C 214 -10.00 -11.51 29.41
N GLU C 215 -11.16 -12.07 29.03
CA GLU C 215 -11.38 -12.56 27.67
C GLU C 215 -11.25 -11.45 26.65
N GLU C 216 -11.85 -10.29 26.92
CA GLU C 216 -11.72 -9.16 26.02
C GLU C 216 -10.27 -8.65 25.94
N ALA C 217 -9.58 -8.52 27.07
CA ALA C 217 -8.17 -8.08 27.10
C ALA C 217 -7.31 -9.01 26.24
N ASP C 218 -7.47 -10.33 26.44
CA ASP C 218 -6.70 -11.32 25.67
C ASP C 218 -7.04 -11.23 24.19
N GLU C 219 -8.30 -11.00 23.86
CA GLU C 219 -8.70 -10.87 22.47
C GLU C 219 -8.07 -9.66 21.79
N TYR C 220 -8.12 -8.50 22.44
CA TYR C 220 -7.53 -7.30 21.84
C TYR C 220 -6.01 -7.44 21.62
N ILE C 221 -5.31 -8.15 22.50
CA ILE C 221 -3.88 -8.41 22.29
C ILE C 221 -3.74 -9.34 21.08
N ASP C 222 -4.54 -10.41 21.06
CA ASP C 222 -4.46 -11.41 20.00
C ASP C 222 -4.73 -10.84 18.60
N ILE C 223 -5.72 -9.94 18.46
CA ILE C 223 -6.05 -9.40 17.13
C ILE C 223 -5.17 -8.20 16.73
N GLY C 224 -4.21 -7.81 17.55
CA GLY C 224 -3.23 -6.82 17.15
C GLY C 224 -3.34 -5.39 17.64
N ALA C 225 -4.01 -5.14 18.80
CA ALA C 225 -4.07 -3.77 19.36
C ALA C 225 -2.71 -3.10 19.47
N LEU C 226 -1.67 -3.83 19.93
CA LEU C 226 -0.31 -3.25 20.04
C LEU C 226 0.33 -2.95 18.70
N ASN C 227 0.05 -3.76 17.67
CA ASN C 227 0.50 -3.40 16.31
C ASN C 227 -0.15 -2.08 15.91
N GLY C 228 -1.44 -1.91 16.26
CA GLY C 228 -2.16 -0.67 15.98
C GLY C 228 -1.51 0.53 16.64
N ILE C 229 -1.10 0.39 17.91
CA ILE C 229 -0.43 1.47 18.63
C ILE C 229 0.86 1.89 17.92
N PHE C 230 1.71 0.94 17.56
CA PHE C 230 2.96 1.29 16.89
C PHE C 230 2.68 1.95 15.53
N VAL C 231 1.75 1.41 14.77
CA VAL C 231 1.41 1.92 13.44
C VAL C 231 0.88 3.36 13.52
N LEU C 232 -0.07 3.61 14.41
CA LEU C 232 -0.66 4.94 14.55
C LEU C 232 0.39 5.91 15.07
N GLY C 233 1.15 5.49 16.06
CA GLY C 233 2.20 6.33 16.62
C GLY C 233 3.25 6.70 15.59
N ARG C 234 3.83 5.69 14.95
CA ARG C 234 4.92 5.93 13.98
C ARG C 234 4.46 6.64 12.69
N SER C 235 3.16 6.59 12.37
CA SER C 235 2.62 7.34 11.23
C SER C 235 2.93 8.81 11.39
N MET C 236 2.91 9.32 12.65
CA MET C 236 3.28 10.74 12.87
C MET C 236 4.68 11.05 12.34
N GLY C 237 5.64 10.24 12.72
CA GLY C 237 7.01 10.43 12.27
C GLY C 237 7.18 10.25 10.78
N PHE C 238 6.53 9.23 10.21
CA PHE C 238 6.63 9.00 8.75
C PHE C 238 6.04 10.15 7.95
N ILE C 239 4.91 10.72 8.39
CA ILE C 239 4.38 11.90 7.69
C ILE C 239 5.37 13.05 7.82
N GLY C 240 5.98 13.18 9.00
CA GLY C 240 6.99 14.19 9.23
C GLY C 240 8.17 14.05 8.29
N HIS C 241 8.63 12.79 8.05
CA HIS C 241 9.72 12.54 7.11
C HIS C 241 9.34 12.89 5.69
N TYR C 242 8.09 12.60 5.30
CA TYR C 242 7.59 12.97 3.98
C TYR C 242 7.66 14.49 3.82
N LEU C 243 7.08 15.23 4.78
CA LEU C 243 7.06 16.70 4.70
C LEU C 243 8.48 17.29 4.64
N ASP C 244 9.39 16.74 5.46
CA ASP C 244 10.78 17.15 5.55
C ASP C 244 11.53 16.97 4.21
N GLN C 245 11.38 15.81 3.58
CA GLN C 245 12.02 15.56 2.29
C GLN C 245 11.50 16.50 1.21
N LYS C 246 10.22 16.85 1.26
CA LYS C 246 9.63 17.81 0.31
C LYS C 246 10.18 19.21 0.52
N ARG C 247 10.32 19.64 1.78
CA ARG C 247 10.88 20.95 2.08
C ARG C 247 12.36 21.03 1.75
N LEU C 248 13.12 19.95 1.99
CA LEU C 248 14.56 19.87 1.70
C LEU C 248 14.85 19.73 0.19
N LYS C 249 13.79 19.54 -0.64
CA LYS C 249 13.88 19.46 -2.10
C LYS C 249 14.86 18.40 -2.50
N GLN C 250 14.79 17.29 -1.79
CA GLN C 250 15.66 16.15 -2.01
C GLN C 250 15.23 15.43 -3.30
N GLY C 251 16.20 15.14 -4.15
CA GLY C 251 15.99 14.51 -5.43
C GLY C 251 15.96 12.99 -5.38
N LEU C 252 15.74 12.37 -6.55
CA LEU C 252 15.64 10.94 -6.68
C LEU C 252 16.83 10.19 -6.08
N TYR C 253 16.55 9.16 -5.29
CA TYR C 253 17.57 8.33 -4.67
C TYR C 253 17.81 7.09 -5.54
N ARG C 254 19.04 6.61 -5.56
CA ARG C 254 19.41 5.35 -6.21
C ARG C 254 20.53 4.79 -5.35
N HIS C 255 20.39 3.54 -4.89
CA HIS C 255 21.36 2.98 -3.97
C HIS C 255 22.71 2.75 -4.66
N PRO C 256 23.85 3.05 -4.01
CA PRO C 256 25.15 2.87 -4.70
C PRO C 256 25.52 1.41 -4.94
N TRP C 257 26.05 1.13 -6.14
CA TRP C 257 26.48 -0.22 -6.52
C TRP C 257 27.58 -0.78 -5.63
N ASP C 258 28.47 0.08 -5.11
CA ASP C 258 29.54 -0.39 -4.21
C ASP C 258 29.01 -1.00 -2.91
N ASP C 259 27.73 -0.78 -2.56
CA ASP C 259 27.16 -1.35 -1.34
C ASP C 259 26.28 -2.57 -1.65
N ILE C 260 26.37 -3.10 -2.88
CA ILE C 260 25.58 -4.25 -3.33
C ILE C 260 26.48 -5.32 -3.87
N SER C 261 26.32 -6.56 -3.37
CA SER C 261 27.04 -7.70 -3.87
C SER C 261 26.13 -8.45 -4.85
N TYR C 262 26.49 -8.45 -6.13
CA TYR C 262 25.74 -9.11 -7.19
C TYR C 262 26.27 -10.53 -7.29
N VAL C 263 25.45 -11.53 -6.96
CA VAL C 263 25.85 -12.93 -6.95
C VAL C 263 24.95 -13.71 -7.90
N LEU C 264 24.92 -13.29 -9.16
CA LEU C 264 24.08 -13.94 -10.16
C LEU C 264 24.67 -15.27 -10.58
N PRO C 265 23.86 -16.20 -11.15
CA PRO C 265 24.44 -17.45 -11.70
C PRO C 265 25.43 -17.13 -12.81
N PRO D 6 30.54 12.16 1.39
CA PRO D 6 29.34 13.02 1.52
C PRO D 6 28.07 12.20 1.74
N ALA D 7 27.22 12.67 2.65
CA ALA D 7 25.97 11.99 2.98
C ALA D 7 24.98 12.03 1.82
N SER D 8 24.29 10.92 1.55
N SER D 8 24.28 10.92 1.60
CA SER D 8 23.28 10.88 0.50
CA SER D 8 23.26 10.80 0.55
C SER D 8 21.89 11.28 1.01
C SER D 8 21.87 11.19 1.03
N PHE D 9 21.66 11.25 2.36
CA PHE D 9 20.39 11.63 2.97
C PHE D 9 20.59 12.82 3.86
N MET D 10 19.54 13.61 4.01
CA MET D 10 19.46 14.75 4.90
C MET D 10 18.16 14.62 5.67
N THR D 11 18.14 15.02 6.95
CA THR D 11 16.98 14.93 7.83
C THR D 11 16.98 16.05 8.88
N SER D 12 15.80 16.55 9.24
CA SER D 12 15.65 17.68 10.15
C SER D 12 14.80 17.42 11.36
N ILE D 13 14.13 16.28 11.47
CA ILE D 13 13.02 16.16 12.45
C ILE D 13 13.32 15.40 13.73
N CYS D 14 14.18 14.42 13.67
CA CYS D 14 14.39 13.55 14.80
C CYS D 14 15.80 13.01 14.83
N ASP D 15 16.45 13.08 15.99
CA ASP D 15 17.80 12.57 16.14
C ASP D 15 17.78 11.52 17.25
N GLU D 16 18.01 10.26 16.86
CA GLU D 16 18.02 9.12 17.77
C GLU D 16 19.43 8.64 18.08
N ARG D 17 20.47 9.35 17.60
CA ARG D 17 21.84 8.90 17.78
C ARG D 17 22.41 9.10 19.17
N GLY D 18 21.92 10.10 19.91
CA GLY D 18 22.44 10.45 21.23
C GLY D 18 21.94 9.64 22.39
N GLN D 19 22.23 10.15 23.59
CA GLN D 19 21.81 9.55 24.87
C GLN D 19 20.30 9.59 25.09
N GLU D 20 19.67 10.54 24.51
CA GLU D 20 18.24 10.72 24.63
C GLU D 20 17.66 11.06 23.28
N LEU D 21 16.47 10.54 22.98
CA LEU D 21 15.77 10.80 21.73
C LEU D 21 15.41 12.29 21.67
N ILE D 22 15.63 12.92 20.51
N ILE D 22 15.61 12.90 20.51
CA ILE D 22 15.35 14.35 20.31
CA ILE D 22 15.33 14.32 20.30
C ILE D 22 14.32 14.49 19.20
C ILE D 22 14.30 14.49 19.18
N TYR D 23 13.26 15.29 19.42
CA TYR D 23 12.26 15.62 18.41
C TYR D 23 12.49 17.11 18.09
N ALA D 24 13.03 17.42 16.91
CA ALA D 24 13.28 18.78 16.43
C ALA D 24 13.96 19.71 17.45
N GLY D 25 15.01 19.24 18.05
CA GLY D 25 15.75 20.01 19.06
C GLY D 25 15.30 19.88 20.51
N MET D 26 14.10 19.29 20.78
CA MET D 26 13.60 19.10 22.14
C MET D 26 13.83 17.65 22.57
N PRO D 27 14.63 17.41 23.62
CA PRO D 27 14.77 16.04 24.15
C PRO D 27 13.40 15.50 24.59
N ILE D 28 13.19 14.20 24.45
CA ILE D 28 11.91 13.57 24.79
C ILE D 28 11.48 13.84 26.25
N THR D 29 12.40 13.92 27.20
CA THR D 29 12.01 14.23 28.59
C THR D 29 11.41 15.65 28.67
N GLU D 30 11.94 16.60 27.88
CA GLU D 30 11.43 17.98 27.87
C GLU D 30 10.07 18.05 27.20
N VAL D 31 9.84 17.20 26.18
CA VAL D 31 8.53 17.11 25.53
C VAL D 31 7.46 16.78 26.61
N PHE D 32 7.75 15.83 27.47
CA PHE D 32 6.83 15.47 28.56
C PHE D 32 6.80 16.50 29.68
N LYS D 33 7.95 17.12 30.04
CA LYS D 33 7.95 18.12 31.14
C LYS D 33 7.09 19.32 30.75
N GLU D 34 7.17 19.69 29.48
CA GLU D 34 6.41 20.82 28.99
C GLU D 34 4.97 20.47 28.63
N GLU D 35 4.55 19.23 28.85
CA GLU D 35 3.19 18.74 28.60
C GLU D 35 2.74 19.08 27.18
N MET D 36 3.63 18.81 26.22
N MET D 36 3.60 18.83 26.21
CA MET D 36 3.42 19.10 24.80
CA MET D 36 3.32 19.17 24.83
C MET D 36 2.28 18.29 24.19
C MET D 36 2.25 18.29 24.17
N GLY D 37 2.08 17.06 24.65
CA GLY D 37 1.07 16.17 24.10
C GLY D 37 1.33 15.75 22.66
N ILE D 38 0.34 15.08 22.09
CA ILE D 38 0.40 14.61 20.70
C ILE D 38 0.49 15.83 19.76
N GLY D 39 -0.30 16.87 20.02
CA GLY D 39 -0.29 18.04 19.15
C GLY D 39 1.06 18.73 19.10
N GLY D 40 1.74 18.78 20.24
CA GLY D 40 3.05 19.38 20.37
C GLY D 40 4.14 18.53 19.73
N VAL D 41 4.03 17.21 19.86
CA VAL D 41 4.92 16.26 19.15
C VAL D 41 4.74 16.44 17.61
N LEU D 42 3.51 16.59 17.16
CA LEU D 42 3.24 16.86 15.75
C LEU D 42 3.87 18.19 15.31
N GLY D 43 3.76 19.22 16.14
CA GLY D 43 4.39 20.50 15.83
C GLY D 43 5.89 20.37 15.65
N LEU D 44 6.53 19.58 16.49
CA LEU D 44 7.97 19.35 16.39
C LEU D 44 8.33 18.50 15.14
N LEU D 45 7.68 17.34 14.99
CA LEU D 45 8.01 16.43 13.87
C LEU D 45 7.61 16.93 12.50
N TRP D 46 6.47 17.61 12.39
CA TRP D 46 6.00 18.08 11.07
C TRP D 46 6.52 19.45 10.74
N PHE D 47 6.63 20.34 11.73
CA PHE D 47 6.98 21.75 11.49
C PHE D 47 8.26 22.24 12.11
N GLN D 48 8.92 21.41 12.92
CA GLN D 48 10.12 21.79 13.65
C GLN D 48 9.93 23.06 14.47
N LYS D 49 8.74 23.22 15.07
CA LYS D 49 8.41 24.34 15.96
C LYS D 49 7.88 23.85 17.29
N ARG D 50 8.10 24.62 18.37
CA ARG D 50 7.47 24.38 19.67
C ARG D 50 6.24 25.28 19.59
N LEU D 51 5.09 24.71 19.31
CA LEU D 51 3.88 25.50 19.13
C LEU D 51 3.26 25.92 20.45
N PRO D 52 2.49 27.02 20.47
CA PRO D 52 1.76 27.40 21.70
C PRO D 52 0.76 26.31 22.07
N LYS D 53 0.43 26.19 23.35
CA LYS D 53 -0.49 25.16 23.83
C LYS D 53 -1.86 25.17 23.13
N TYR D 54 -2.45 26.33 22.90
CA TYR D 54 -3.75 26.36 22.19
C TYR D 54 -3.64 25.80 20.75
N SER D 55 -2.45 25.93 20.09
CA SER D 55 -2.23 25.36 18.74
C SER D 55 -2.13 23.85 18.84
N CYS D 56 -1.42 23.37 19.85
CA CYS D 56 -1.30 21.94 20.11
C CYS D 56 -2.67 21.33 20.33
N GLN D 57 -3.49 21.94 21.17
CA GLN D 57 -4.84 21.44 21.46
C GLN D 57 -5.74 21.47 20.26
N PHE D 58 -5.65 22.55 19.48
CA PHE D 58 -6.39 22.66 18.23
C PHE D 58 -6.05 21.48 17.28
N ILE D 59 -4.77 21.18 17.09
CA ILE D 59 -4.33 20.06 16.25
C ILE D 59 -4.96 18.76 16.77
N GLU D 60 -4.95 18.56 18.09
CA GLU D 60 -5.56 17.36 18.67
C GLU D 60 -7.05 17.31 18.41
N MET D 61 -7.75 18.48 18.47
N MET D 61 -7.74 18.47 18.51
CA MET D 61 -9.19 18.55 18.19
CA MET D 61 -9.17 18.55 18.23
C MET D 61 -9.45 18.14 16.75
C MET D 61 -9.45 18.14 16.77
N CYS D 62 -8.60 18.58 15.82
CA CYS D 62 -8.73 18.21 14.40
C CYS D 62 -8.64 16.68 14.20
N LEU D 63 -7.69 16.06 14.88
CA LEU D 63 -7.50 14.61 14.79
C LEU D 63 -8.70 13.89 15.39
N MET D 64 -9.25 14.43 16.47
CA MET D 64 -10.43 13.83 17.12
C MET D 64 -11.68 13.93 16.23
N VAL D 65 -11.93 15.09 15.60
CA VAL D 65 -13.15 15.24 14.78
C VAL D 65 -13.04 14.47 13.46
N THR D 66 -11.83 14.19 12.97
CA THR D 66 -11.64 13.45 11.71
C THR D 66 -11.40 11.98 11.96
N ALA D 67 -11.42 11.53 13.22
CA ALA D 67 -11.04 10.15 13.55
C ALA D 67 -11.82 9.10 12.79
N ASP D 68 -13.13 9.27 12.67
CA ASP D 68 -13.93 8.34 11.87
C ASP D 68 -15.21 8.98 11.41
N HIS D 69 -15.74 8.48 10.28
CA HIS D 69 -17.02 8.91 9.77
C HIS D 69 -17.83 7.72 9.23
N GLY D 70 -17.69 6.59 9.91
CA GLY D 70 -18.47 5.41 9.61
C GLY D 70 -17.85 4.47 8.59
N PRO D 71 -18.53 3.33 8.39
CA PRO D 71 -17.98 2.27 7.55
C PRO D 71 -18.32 2.34 6.06
N ALA D 72 -19.10 3.35 5.63
CA ALA D 72 -19.59 3.44 4.25
C ALA D 72 -18.72 4.23 3.31
N VAL D 73 -17.94 5.13 3.86
CA VAL D 73 -17.02 5.95 3.08
C VAL D 73 -15.94 5.06 2.45
N SER D 74 -15.44 5.47 1.29
CA SER D 74 -14.51 4.69 0.48
C SER D 74 -13.41 3.96 1.27
N GLY D 75 -12.63 4.70 2.05
CA GLY D 75 -11.50 4.14 2.77
C GLY D 75 -11.88 3.17 3.86
N ALA D 76 -12.92 3.49 4.65
CA ALA D 76 -13.38 2.58 5.71
C ALA D 76 -13.90 1.29 5.11
N HIS D 77 -14.64 1.44 4.02
CA HIS D 77 -15.21 0.32 3.28
C HIS D 77 -14.11 -0.62 2.80
N ASN D 78 -13.09 -0.05 2.16
CA ASN D 78 -11.95 -0.85 1.68
C ASN D 78 -11.17 -1.54 2.80
N THR D 79 -10.97 -0.83 3.93
CA THR D 79 -10.29 -1.44 5.09
C THR D 79 -11.09 -2.61 5.60
N ILE D 80 -12.41 -2.45 5.70
CA ILE D 80 -13.30 -3.52 6.17
C ILE D 80 -13.22 -4.73 5.26
N ILE D 81 -13.28 -4.50 3.93
CA ILE D 81 -13.17 -5.59 2.95
C ILE D 81 -11.86 -6.33 3.12
N CYS D 82 -10.78 -5.57 3.27
CA CYS D 82 -9.46 -6.15 3.41
C CYS D 82 -9.35 -6.99 4.72
N ALA D 83 -9.90 -6.50 5.83
CA ALA D 83 -9.93 -7.25 7.11
C ALA D 83 -10.76 -8.53 6.95
N ARG D 84 -11.88 -8.42 6.24
CA ARG D 84 -12.79 -9.56 6.00
C ARG D 84 -12.18 -10.61 5.05
N ALA D 85 -11.17 -10.21 4.26
CA ALA D 85 -10.40 -11.13 3.42
C ALA D 85 -9.27 -11.82 4.23
N GLY D 86 -9.20 -11.57 5.53
CA GLY D 86 -8.26 -12.22 6.44
C GLY D 86 -6.88 -11.59 6.48
N LYS D 87 -6.74 -10.37 5.99
CA LYS D 87 -5.44 -9.71 5.96
C LYS D 87 -5.09 -9.08 7.30
N ASP D 88 -3.82 -8.76 7.45
CA ASP D 88 -3.25 -8.14 8.65
C ASP D 88 -3.66 -6.68 8.79
N LEU D 89 -3.37 -6.11 9.95
CA LEU D 89 -3.74 -4.75 10.28
C LEU D 89 -3.16 -3.72 9.33
N VAL D 90 -1.85 -3.77 9.09
CA VAL D 90 -1.19 -2.81 8.22
C VAL D 90 -1.73 -2.87 6.80
N SER D 91 -1.87 -4.06 6.21
CA SER D 91 -2.41 -4.20 4.85
C SER D 91 -3.83 -3.62 4.77
N SER D 92 -4.64 -3.95 5.76
CA SER D 92 -6.04 -3.50 5.81
C SER D 92 -6.16 -1.99 5.98
N LEU D 93 -5.36 -1.42 6.88
CA LEU D 93 -5.33 0.03 7.04
C LEU D 93 -4.91 0.69 5.74
N THR D 94 -3.81 0.21 5.17
N THR D 94 -3.80 0.22 5.17
CA THR D 94 -3.24 0.80 3.95
CA THR D 94 -3.25 0.81 3.95
C THR D 94 -4.20 0.71 2.77
C THR D 94 -4.19 0.70 2.76
N SER D 95 -4.95 -0.40 2.65
CA SER D 95 -5.91 -0.55 1.55
C SER D 95 -6.96 0.59 1.58
N GLY D 96 -7.34 1.01 2.79
CA GLY D 96 -8.25 2.12 3.01
C GLY D 96 -7.58 3.46 2.84
N LEU D 97 -6.36 3.63 3.39
CA LEU D 97 -5.63 4.92 3.26
C LEU D 97 -5.40 5.29 1.83
N LEU D 98 -5.14 4.30 0.97
CA LEU D 98 -4.87 4.57 -0.45
C LEU D 98 -6.04 5.16 -1.22
N THR D 99 -7.25 5.19 -0.66
CA THR D 99 -8.41 5.83 -1.28
C THR D 99 -8.39 7.36 -1.03
N ILE D 100 -7.51 7.85 -0.12
CA ILE D 100 -7.47 9.24 0.32
C ILE D 100 -6.68 10.18 -0.57
N GLY D 101 -7.21 11.39 -0.76
CA GLY D 101 -6.44 12.46 -1.38
C GLY D 101 -7.12 13.30 -2.42
N ASP D 102 -8.15 12.77 -3.08
CA ASP D 102 -8.86 13.52 -4.11
C ASP D 102 -10.32 13.68 -3.73
N ARG D 103 -11.23 12.82 -4.25
CA ARG D 103 -12.66 12.90 -3.94
C ARG D 103 -13.00 12.55 -2.53
N PHE D 104 -12.14 11.75 -1.86
CA PHE D 104 -12.32 11.35 -0.46
C PHE D 104 -11.12 11.82 0.38
N GLY D 105 -11.39 12.66 1.37
CA GLY D 105 -10.36 13.18 2.28
C GLY D 105 -9.48 14.31 1.73
N GLY D 106 -9.73 14.78 0.51
CA GLY D 106 -8.94 15.85 -0.09
C GLY D 106 -9.46 17.26 0.12
N ALA D 107 -10.67 17.42 0.65
CA ALA D 107 -11.31 18.73 0.77
C ALA D 107 -10.70 19.65 1.82
N LEU D 108 -10.02 19.13 2.85
CA LEU D 108 -9.38 19.99 3.88
C LEU D 108 -8.29 20.82 3.17
N ASP D 109 -7.43 20.12 2.43
CA ASP D 109 -6.34 20.71 1.65
C ASP D 109 -6.90 21.62 0.56
N ALA D 110 -7.91 21.16 -0.18
CA ALA D 110 -8.47 21.97 -1.28
C ALA D 110 -9.13 23.25 -0.76
N ALA D 111 -9.81 23.18 0.38
CA ALA D 111 -10.46 24.37 0.96
C ALA D 111 -9.42 25.37 1.49
N ALA D 112 -8.41 24.87 2.19
CA ALA D 112 -7.33 25.74 2.68
C ALA D 112 -6.69 26.51 1.53
N LYS D 113 -6.38 25.80 0.44
CA LYS D 113 -5.75 26.44 -0.74
C LYS D 113 -6.62 27.44 -1.42
N MET D 114 -7.90 27.08 -1.64
CA MET D 114 -8.79 27.95 -2.38
C MET D 114 -9.10 29.21 -1.59
N PHE D 115 -9.46 29.06 -0.32
CA PHE D 115 -9.73 30.24 0.52
C PHE D 115 -8.50 31.12 0.69
N SER D 116 -7.30 30.51 0.86
CA SER D 116 -6.05 31.29 0.98
C SER D 116 -5.75 32.08 -0.29
N LYS D 117 -5.96 31.44 -1.45
CA LYS D 117 -5.71 32.11 -2.72
C LYS D 117 -6.63 33.30 -2.89
N ALA D 118 -7.92 33.13 -2.57
CA ALA D 118 -8.88 34.23 -2.68
C ALA D 118 -8.53 35.37 -1.72
N PHE D 119 -8.26 35.03 -0.46
CA PHE D 119 -7.89 36.02 0.55
C PHE D 119 -6.60 36.77 0.17
N ASP D 120 -5.57 36.02 -0.25
CA ASP D 120 -4.26 36.61 -0.61
C ASP D 120 -4.32 37.48 -1.87
N SER D 121 -5.26 37.20 -2.78
CA SER D 121 -5.44 38.01 -3.99
C SER D 121 -6.11 39.36 -3.66
N GLY D 122 -6.64 39.51 -2.45
CA GLY D 122 -7.32 40.74 -2.06
C GLY D 122 -8.77 40.87 -2.47
N ILE D 123 -9.35 39.85 -3.12
CA ILE D 123 -10.74 39.92 -3.56
C ILE D 123 -11.65 39.78 -2.36
N ILE D 124 -12.72 40.57 -2.30
CA ILE D 124 -13.64 40.50 -1.16
C ILE D 124 -14.53 39.26 -1.29
N PRO D 125 -15.15 38.79 -0.19
CA PRO D 125 -15.99 37.57 -0.27
C PRO D 125 -17.06 37.55 -1.35
N MET D 126 -17.81 38.65 -1.53
CA MET D 126 -18.84 38.70 -2.57
C MET D 126 -18.20 38.53 -3.97
N GLU D 127 -16.99 39.16 -4.17
CA GLU D 127 -16.20 39.14 -5.43
C GLU D 127 -15.77 37.71 -5.74
N PHE D 128 -15.41 36.98 -4.69
CA PHE D 128 -14.97 35.59 -4.80
C PHE D 128 -16.11 34.67 -5.19
N VAL D 129 -17.26 34.84 -4.55
CA VAL D 129 -18.44 34.04 -4.85
C VAL D 129 -18.86 34.31 -6.31
N ASN D 130 -18.83 35.58 -6.73
CA ASN D 130 -19.17 35.98 -8.12
C ASN D 130 -18.17 35.42 -9.12
N LYS D 131 -16.88 35.41 -8.78
CA LYS D 131 -15.84 34.85 -9.64
C LYS D 131 -16.02 33.33 -9.87
N MET D 132 -16.39 32.61 -8.82
CA MET D 132 -16.57 31.16 -8.90
C MET D 132 -17.88 30.80 -9.62
N LYS D 133 -18.95 31.57 -9.40
CA LYS D 133 -20.24 31.37 -10.08
C LYS D 133 -20.07 31.63 -11.59
N LYS D 134 -19.32 32.68 -11.98
CA LYS D 134 -19.03 33.00 -13.39
C LYS D 134 -18.17 31.93 -14.06
N GLU D 135 -17.16 31.40 -13.34
CA GLU D 135 -16.28 30.36 -13.87
C GLU D 135 -16.88 28.93 -13.77
N GLY D 136 -18.04 28.80 -13.13
CA GLY D 136 -18.70 27.51 -12.96
C GLY D 136 -17.93 26.54 -12.08
N LYS D 137 -17.18 27.05 -11.07
CA LYS D 137 -16.35 26.23 -10.19
C LYS D 137 -16.96 26.19 -8.81
N LEU D 138 -16.96 25.02 -8.18
CA LEU D 138 -17.49 24.85 -6.83
C LEU D 138 -16.49 25.41 -5.81
N ILE D 139 -17.02 25.97 -4.72
CA ILE D 139 -16.21 26.46 -3.62
C ILE D 139 -15.93 25.23 -2.72
N MET D 140 -14.65 24.89 -2.56
CA MET D 140 -14.25 23.77 -1.69
C MET D 140 -14.47 24.14 -0.22
N GLY D 141 -14.90 23.17 0.56
CA GLY D 141 -15.14 23.36 1.99
C GLY D 141 -16.51 23.95 2.29
N ILE D 142 -17.36 24.07 1.26
CA ILE D 142 -18.71 24.63 1.37
C ILE D 142 -19.70 23.56 0.91
N GLY D 143 -20.81 23.42 1.62
CA GLY D 143 -21.84 22.47 1.23
C GLY D 143 -21.95 21.29 2.15
N HIS D 144 -23.20 20.89 2.42
CA HIS D 144 -23.51 19.71 3.21
C HIS D 144 -24.76 19.07 2.64
N ARG D 145 -24.84 17.75 2.71
CA ARG D 145 -25.99 17.01 2.18
C ARG D 145 -27.26 17.27 3.01
N VAL D 146 -27.15 17.37 4.34
CA VAL D 146 -28.32 17.58 5.24
C VAL D 146 -28.20 18.78 6.17
N LYS D 147 -27.00 19.09 6.68
CA LYS D 147 -26.82 20.25 7.55
C LYS D 147 -26.94 21.53 6.74
N SER D 148 -27.31 22.62 7.40
CA SER D 148 -27.57 23.90 6.72
C SER D 148 -27.43 25.03 7.71
N ILE D 149 -27.56 26.28 7.24
CA ILE D 149 -27.57 27.49 8.10
C ILE D 149 -28.65 27.41 9.20
N ASN D 150 -29.70 26.59 9.00
CA ASN D 150 -30.79 26.42 9.97
C ASN D 150 -30.56 25.21 10.89
N ASN D 151 -29.59 24.37 10.56
CA ASN D 151 -29.36 23.11 11.28
C ASN D 151 -27.83 22.86 11.28
N PRO D 152 -27.13 23.44 12.26
CA PRO D 152 -25.66 23.41 12.23
C PRO D 152 -24.98 22.07 12.46
N ASP D 153 -23.79 21.97 11.91
CA ASP D 153 -22.93 20.82 12.09
C ASP D 153 -22.22 21.04 13.42
N MET D 154 -22.34 20.10 14.36
CA MET D 154 -21.75 20.26 15.68
C MET D 154 -20.23 20.17 15.71
N ARG D 155 -19.59 19.46 14.76
CA ARG D 155 -18.12 19.41 14.72
C ARG D 155 -17.64 20.81 14.32
N VAL D 156 -18.36 21.44 13.37
CA VAL D 156 -18.00 22.80 12.97
C VAL D 156 -18.15 23.74 14.17
N GLN D 157 -19.27 23.64 14.90
CA GLN D 157 -19.51 24.52 16.06
C GLN D 157 -18.39 24.38 17.13
N ILE D 158 -18.01 23.14 17.45
CA ILE D 158 -16.96 22.87 18.44
C ILE D 158 -15.62 23.49 18.03
N LEU D 159 -15.21 23.25 16.77
CA LEU D 159 -13.94 23.76 16.28
C LEU D 159 -13.95 25.29 16.22
N LYS D 160 -15.01 25.84 15.68
CA LYS D 160 -15.15 27.26 15.54
C LYS D 160 -15.12 27.99 16.89
N ASP D 161 -15.81 27.47 17.91
CA ASP D 161 -15.81 28.11 19.23
C ASP D 161 -14.42 28.06 19.88
N TYR D 162 -13.71 26.94 19.76
CA TYR D 162 -12.37 26.85 20.33
C TYR D 162 -11.43 27.86 19.65
N VAL D 163 -11.42 27.87 18.34
CA VAL D 163 -10.56 28.76 17.56
C VAL D 163 -10.83 30.24 17.88
N ARG D 164 -12.11 30.65 17.91
CA ARG D 164 -12.43 32.06 18.15
C ARG D 164 -12.12 32.48 19.60
N GLN D 165 -12.13 31.54 20.54
CA GLN D 165 -11.81 31.84 21.93
C GLN D 165 -10.31 31.79 22.24
N HIS D 166 -9.51 31.05 21.46
CA HIS D 166 -8.09 30.90 21.75
C HIS D 166 -7.11 31.53 20.78
N PHE D 167 -7.46 31.66 19.51
CA PHE D 167 -6.47 32.15 18.54
C PHE D 167 -6.33 33.67 18.67
N PRO D 168 -5.11 34.23 18.53
CA PRO D 168 -4.98 35.70 18.61
C PRO D 168 -5.63 36.42 17.42
N ALA D 169 -5.78 35.73 16.29
CA ALA D 169 -6.43 36.29 15.12
C ALA D 169 -6.92 35.14 14.24
N THR D 170 -8.06 35.35 13.54
CA THR D 170 -8.64 34.32 12.67
C THR D 170 -9.11 34.99 11.38
N PRO D 171 -8.24 35.69 10.63
CA PRO D 171 -8.68 36.37 9.40
C PRO D 171 -9.21 35.47 8.30
N LEU D 172 -8.62 34.29 8.07
CA LEU D 172 -9.11 33.41 7.00
C LEU D 172 -10.47 32.79 7.38
N LEU D 173 -10.62 32.42 8.67
CA LEU D 173 -11.92 31.92 9.14
C LEU D 173 -12.98 33.01 8.95
N ASP D 174 -12.64 34.24 9.37
CA ASP D 174 -13.55 35.40 9.25
C ASP D 174 -13.94 35.59 7.80
N TYR D 175 -12.98 35.48 6.89
CA TYR D 175 -13.24 35.59 5.46
C TYR D 175 -14.18 34.45 5.00
N ALA D 176 -13.92 33.21 5.42
CA ALA D 176 -14.77 32.07 5.04
C ALA D 176 -16.17 32.20 5.65
N LEU D 177 -16.30 32.75 6.87
CA LEU D 177 -17.62 32.96 7.46
C LEU D 177 -18.41 34.00 6.68
N GLU D 178 -17.75 35.00 6.10
CA GLU D 178 -18.41 35.99 5.27
C GLU D 178 -18.86 35.33 3.97
N VAL D 179 -18.03 34.45 3.38
CA VAL D 179 -18.40 33.69 2.18
C VAL D 179 -19.65 32.85 2.51
N GLU D 180 -19.66 32.19 3.70
CA GLU D 180 -20.80 31.36 4.17
C GLU D 180 -22.06 32.14 4.27
N LYS D 181 -22.01 33.40 4.74
CA LYS D 181 -23.19 34.26 4.82
C LYS D 181 -23.76 34.49 3.42
N ILE D 182 -22.88 34.71 2.44
CA ILE D 182 -23.31 34.95 1.06
C ILE D 182 -23.85 33.66 0.42
N THR D 183 -23.16 32.52 0.56
CA THR D 183 -23.60 31.28 -0.08
C THR D 183 -24.91 30.78 0.51
N THR D 184 -25.03 30.78 1.85
CA THR D 184 -26.25 30.32 2.54
C THR D 184 -27.44 31.22 2.31
N SER D 185 -27.23 32.50 1.89
CA SER D 185 -28.36 33.36 1.58
C SER D 185 -29.11 32.84 0.34
N LYS D 186 -28.38 32.19 -0.58
CA LYS D 186 -28.93 31.68 -1.85
C LYS D 186 -29.40 30.23 -1.67
N LYS D 187 -28.53 29.37 -1.15
CA LYS D 187 -28.78 27.95 -0.96
C LYS D 187 -28.38 27.61 0.49
N PRO D 188 -29.36 27.49 1.39
CA PRO D 188 -29.06 27.29 2.80
C PRO D 188 -28.17 26.11 3.21
N ASN D 189 -28.01 25.10 2.34
CA ASN D 189 -27.17 23.92 2.63
C ASN D 189 -25.66 24.22 2.31
N LEU D 190 -25.35 25.40 1.77
CA LEU D 190 -23.98 25.78 1.40
C LEU D 190 -23.25 26.41 2.60
N ILE D 191 -23.22 25.64 3.70
CA ILE D 191 -22.53 26.02 4.92
C ILE D 191 -21.04 25.72 4.76
N LEU D 192 -20.25 26.31 5.65
CA LEU D 192 -18.83 26.01 5.76
C LEU D 192 -18.83 24.66 6.49
N ASN D 193 -18.40 23.62 5.81
CA ASN D 193 -18.43 22.28 6.36
C ASN D 193 -17.18 21.99 7.18
N VAL D 194 -17.14 20.82 7.82
CA VAL D 194 -16.00 20.49 8.67
C VAL D 194 -14.64 20.56 7.93
N ASP D 195 -14.61 20.15 6.69
CA ASP D 195 -13.37 20.21 5.89
C ASP D 195 -12.98 21.66 5.63
N GLY D 196 -13.94 22.48 5.30
CA GLY D 196 -13.70 23.91 5.11
C GLY D 196 -13.23 24.60 6.37
N LEU D 197 -13.83 24.24 7.50
CA LEU D 197 -13.47 24.85 8.77
C LEU D 197 -12.08 24.44 9.19
N ILE D 198 -11.77 23.15 9.19
CA ILE D 198 -10.42 22.71 9.53
C ILE D 198 -9.39 23.34 8.61
N GLY D 199 -9.66 23.35 7.31
CA GLY D 199 -8.76 23.92 6.31
C GLY D 199 -8.43 25.37 6.59
N VAL D 200 -9.46 26.22 6.75
CA VAL D 200 -9.18 27.65 7.00
C VAL D 200 -8.63 27.90 8.40
N ALA D 201 -9.10 27.18 9.42
CA ALA D 201 -8.61 27.38 10.77
C ALA D 201 -7.14 26.94 10.89
N PHE D 202 -6.76 25.89 10.14
CA PHE D 202 -5.37 25.43 10.15
C PHE D 202 -4.45 26.46 9.50
N VAL D 203 -4.91 27.11 8.44
CA VAL D 203 -4.14 28.19 7.83
C VAL D 203 -4.02 29.32 8.86
N ASP D 204 -5.13 29.67 9.54
CA ASP D 204 -5.10 30.73 10.58
C ASP D 204 -4.09 30.43 11.67
N MET D 205 -4.01 29.16 12.09
N MET D 205 -4.02 29.16 12.09
CA MET D 205 -3.07 28.78 13.11
CA MET D 205 -3.07 28.74 13.11
C MET D 205 -1.63 28.99 12.61
C MET D 205 -1.64 28.96 12.62
N LEU D 206 -1.30 28.46 11.42
CA LEU D 206 0.05 28.59 10.86
C LEU D 206 0.43 30.04 10.66
N ARG D 207 -0.49 30.83 10.16
CA ARG D 207 -0.19 32.23 9.85
C ARG D 207 -0.14 33.15 11.05
N ASN D 208 -0.88 32.83 12.12
CA ASN D 208 -1.01 33.77 13.24
C ASN D 208 -0.50 33.27 14.57
N CYS D 209 -0.11 32.01 14.72
CA CYS D 209 0.38 31.60 16.03
C CYS D 209 1.71 32.25 16.45
N GLY D 210 2.48 32.79 15.50
CA GLY D 210 3.76 33.43 15.76
C GLY D 210 4.97 32.56 15.51
N SER D 211 4.79 31.25 15.28
CA SER D 211 5.90 30.34 15.04
C SER D 211 6.37 30.31 13.58
N PHE D 212 5.57 30.82 12.64
CA PHE D 212 5.91 30.75 11.22
C PHE D 212 5.93 32.09 10.54
N THR D 213 6.78 32.23 9.54
CA THR D 213 6.71 33.37 8.64
C THR D 213 5.58 32.98 7.66
N ARG D 214 5.11 33.94 6.88
CA ARG D 214 4.09 33.64 5.88
C ARG D 214 4.61 32.64 4.84
N GLU D 215 5.88 32.76 4.44
CA GLU D 215 6.48 31.84 3.48
C GLU D 215 6.47 30.41 4.01
N GLU D 216 6.82 30.22 5.26
CA GLU D 216 6.79 28.88 5.87
C GLU D 216 5.36 28.32 5.94
N ALA D 217 4.40 29.14 6.40
CA ALA D 217 2.98 28.72 6.48
C ALA D 217 2.48 28.28 5.11
N ASP D 218 2.76 29.07 4.07
CA ASP D 218 2.34 28.75 2.70
C ASP D 218 3.01 27.49 2.21
N GLU D 219 4.27 27.29 2.56
CA GLU D 219 4.97 26.08 2.14
C GLU D 219 4.37 24.85 2.75
N TYR D 220 4.09 24.87 4.05
CA TYR D 220 3.48 23.70 4.70
C TYR D 220 2.12 23.34 4.14
N ILE D 221 1.32 24.33 3.75
CA ILE D 221 0.04 24.04 3.11
C ILE D 221 0.32 23.42 1.73
N ASP D 222 1.24 24.02 0.98
CA ASP D 222 1.58 23.56 -0.37
C ASP D 222 2.08 22.14 -0.43
N ILE D 223 2.91 21.73 0.53
CA ILE D 223 3.48 20.37 0.49
C ILE D 223 2.54 19.30 1.16
N GLY D 224 1.37 19.69 1.63
CA GLY D 224 0.37 18.73 2.12
C GLY D 224 0.14 18.51 3.60
N ALA D 225 0.45 19.51 4.46
CA ALA D 225 0.18 19.37 5.90
C ALA D 225 -1.26 18.96 6.22
N LEU D 226 -2.25 19.55 5.54
CA LEU D 226 -3.66 19.19 5.77
C LEU D 226 -4.03 17.80 5.30
N ASN D 227 -3.39 17.31 4.23
CA ASN D 227 -3.58 15.89 3.84
C ASN D 227 -3.08 15.03 4.96
N GLY D 228 -1.95 15.42 5.57
CA GLY D 228 -1.39 14.70 6.71
C GLY D 228 -2.35 14.63 7.88
N ILE D 229 -3.00 15.75 8.19
CA ILE D 229 -3.99 15.80 9.29
C ILE D 229 -5.12 14.81 9.05
N PHE D 230 -5.70 14.82 7.85
CA PHE D 230 -6.81 13.89 7.57
C PHE D 230 -6.36 12.45 7.65
N VAL D 231 -5.20 12.15 7.05
CA VAL D 231 -4.66 10.79 7.03
C VAL D 231 -4.36 10.28 8.42
N LEU D 232 -3.69 11.09 9.25
CA LEU D 232 -3.35 10.66 10.61
C LEU D 232 -4.61 10.52 11.45
N GLY D 233 -5.51 11.48 11.32
CA GLY D 233 -6.78 11.43 12.04
C GLY D 233 -7.60 10.22 11.68
N ARG D 234 -7.88 10.03 10.38
CA ARG D 234 -8.71 8.93 9.92
C ARG D 234 -8.09 7.55 10.10
N SER D 235 -6.75 7.47 10.23
CA SER D 235 -6.07 6.20 10.52
C SER D 235 -6.61 5.61 11.82
N MET D 236 -6.99 6.47 12.80
N MET D 236 -6.99 6.46 12.77
CA MET D 236 -7.57 6.01 14.08
CA MET D 236 -7.54 5.93 14.02
C MET D 236 -8.84 5.19 13.81
C MET D 236 -8.83 5.15 13.76
N GLY D 237 -9.74 5.73 12.99
CA GLY D 237 -10.99 5.08 12.67
C GLY D 237 -10.78 3.83 11.84
N PHE D 238 -9.87 3.89 10.86
CA PHE D 238 -9.61 2.70 10.03
C PHE D 238 -9.02 1.57 10.81
N ILE D 239 -8.11 1.85 11.77
CA ILE D 239 -7.60 0.77 12.63
C ILE D 239 -8.75 0.22 13.47
N GLY D 240 -9.61 1.09 13.95
CA GLY D 240 -10.79 0.69 14.70
C GLY D 240 -11.68 -0.24 13.90
N HIS D 241 -11.89 0.07 12.61
CA HIS D 241 -12.70 -0.79 11.72
C HIS D 241 -12.05 -2.16 11.52
N TYR D 242 -10.73 -2.18 11.38
CA TYR D 242 -9.99 -3.44 11.27
C TYR D 242 -10.24 -4.30 12.51
N LEU D 243 -10.00 -3.72 13.70
CA LEU D 243 -10.18 -4.46 14.96
C LEU D 243 -11.61 -4.98 15.13
N ASP D 244 -12.58 -4.14 14.78
CA ASP D 244 -14.00 -4.45 14.85
C ASP D 244 -14.39 -5.64 13.96
N GLN D 245 -13.95 -5.63 12.71
CA GLN D 245 -14.24 -6.72 11.79
C GLN D 245 -13.64 -8.04 12.28
N LYS D 246 -12.47 -7.96 12.91
CA LYS D 246 -11.82 -9.17 13.45
C LYS D 246 -12.63 -9.72 14.64
N ARG D 247 -13.11 -8.82 15.52
CA ARG D 247 -13.90 -9.25 16.67
C ARG D 247 -15.27 -9.77 16.25
N LEU D 248 -15.88 -9.16 15.24
CA LEU D 248 -17.19 -9.57 14.72
C LEU D 248 -17.11 -10.87 13.88
N LYS D 249 -15.88 -11.36 13.60
CA LYS D 249 -15.63 -12.64 12.91
C LYS D 249 -16.34 -12.64 11.58
N GLN D 250 -16.29 -11.50 10.93
CA GLN D 250 -16.93 -11.28 9.65
C GLN D 250 -16.14 -12.04 8.56
N GLY D 251 -16.86 -12.76 7.73
CA GLY D 251 -16.28 -13.57 6.66
C GLY D 251 -16.04 -12.80 5.37
N LEU D 252 -15.49 -13.50 4.39
CA LEU D 252 -15.14 -12.93 3.09
C LEU D 252 -16.32 -12.22 2.43
N TYR D 253 -16.08 -11.01 1.96
CA TYR D 253 -17.10 -10.21 1.26
C TYR D 253 -16.97 -10.44 -0.26
N ARG D 254 -18.11 -10.40 -0.94
CA ARG D 254 -18.18 -10.48 -2.40
C ARG D 254 -19.36 -9.62 -2.78
N HIS D 255 -19.16 -8.63 -3.66
CA HIS D 255 -20.22 -7.68 -3.97
C HIS D 255 -21.34 -8.36 -4.75
N PRO D 256 -22.63 -8.07 -4.47
CA PRO D 256 -23.71 -8.77 -5.19
C PRO D 256 -23.81 -8.39 -6.67
N TRP D 257 -24.03 -9.39 -7.52
CA TRP D 257 -24.18 -9.19 -8.97
C TRP D 257 -25.35 -8.30 -9.33
N ASP D 258 -26.45 -8.34 -8.56
CA ASP D 258 -27.60 -7.48 -8.84
C ASP D 258 -27.29 -5.99 -8.74
N ASP D 259 -26.18 -5.59 -8.10
CA ASP D 259 -25.80 -4.19 -7.98
C ASP D 259 -24.73 -3.81 -9.00
N ILE D 260 -24.47 -4.66 -10.00
CA ILE D 260 -23.44 -4.43 -11.01
C ILE D 260 -24.03 -4.56 -12.39
N SER D 261 -23.80 -3.54 -13.25
CA SER D 261 -24.24 -3.58 -14.63
C SER D 261 -23.05 -4.01 -15.48
N TYR D 262 -23.12 -5.19 -16.09
CA TYR D 262 -22.06 -5.71 -16.96
C TYR D 262 -22.36 -5.26 -18.36
N VAL D 263 -21.52 -4.40 -18.94
CA VAL D 263 -21.72 -3.85 -20.30
C VAL D 263 -20.51 -4.16 -21.12
N LEU D 264 -20.25 -5.45 -21.28
CA LEU D 264 -19.09 -5.89 -22.08
C LEU D 264 -19.36 -5.72 -23.57
N PRO D 265 -18.31 -5.66 -24.42
CA PRO D 265 -18.54 -5.63 -25.88
C PRO D 265 -19.25 -6.92 -26.32
CAC FLC E . 17.40 2.92 -13.54
CAC FLC E . 17.51 3.78 -15.21
CA FLC E . 16.74 3.12 -14.89
CA FLC E . 16.62 2.64 -14.73
CB FLC E . 15.21 2.98 -15.02
CB FLC E . 15.08 2.79 -14.87
CBC FLC E . 14.75 1.56 -14.64
CBC FLC E . 14.40 1.45 -14.50
CG FLC E . 14.53 4.04 -14.13
CG FLC E . 14.54 3.91 -13.97
CGC FLC E . 13.09 4.39 -14.48
CGC FLC E . 13.07 4.27 -14.16
OA1 FLC E . 18.00 1.84 -13.36
OA1 FLC E . 17.17 4.44 -16.23
OA2 FLC E . 17.36 3.85 -12.70
OA2 FLC E . 18.57 3.99 -14.58
OB1 FLC E . 14.32 0.84 -15.57
OB1 FLC E . 13.88 0.82 -15.42
OB2 FLC E . 14.72 1.24 -13.45
OB2 FLC E . 14.31 1.18 -13.30
OG1 FLC E . 12.27 3.46 -14.60
OG1 FLC E . 12.29 3.45 -14.69
OG2 FLC E . 12.80 5.59 -14.62
OG2 FLC E . 12.68 5.40 -13.78
OHB FLC E . 14.89 3.21 -16.39
OHB FLC E . 14.82 3.04 -16.25
HA1 FLC E . 17.22 2.44 -15.59
HA1 FLC E . 16.89 2.40 -13.71
HA2 FLC E . 17.01 4.10 -15.28
HA2 FLC E . 16.87 1.76 -15.31
HG1 FLC E . 14.60 3.74 -13.08
HG1 FLC E . 14.75 3.67 -12.94
HG2 FLC E . 15.09 4.97 -14.16
HG2 FLC E . 15.09 4.83 -14.15
HOB FLC E . 15.10 4.17 -16.59
HOB FLC E . 14.93 4.02 -16.40
C1 EDO F . 17.57 20.64 -21.55
O1 EDO F . 18.84 20.94 -21.01
C2 EDO F . 17.58 20.79 -23.09
O2 EDO F . 17.51 19.54 -23.75
H11 EDO F . 17.22 19.65 -21.28
H12 EDO F . 16.90 21.36 -21.09
HO1 EDO F . 18.81 20.72 -20.04
H21 EDO F . 16.68 21.31 -23.44
H22 EDO F . 18.44 21.37 -23.41
HO2 EDO F . 17.53 19.70 -24.73
C1 EDO G . 17.68 14.75 -21.97
O1 EDO G . 18.57 14.53 -20.88
C2 EDO G . 17.97 16.14 -22.58
O2 EDO G . 17.09 16.38 -23.65
H11 EDO G . 16.63 14.63 -21.71
H12 EDO G . 17.91 13.95 -22.67
HO1 EDO G . 18.22 13.74 -20.38
H21 EDO G . 18.97 16.18 -23.01
H22 EDO G . 17.91 16.91 -21.83
HO2 EDO G . 17.60 16.24 -24.50
CAC FLC H . -9.75 -16.58 -5.42
CA FLC H . -10.99 -17.08 -6.17
CB FLC H . -11.90 -15.96 -6.71
CBC FLC H . -11.20 -15.20 -7.86
CG FLC H . -13.24 -16.54 -7.18
CGC FLC H . -14.44 -15.61 -7.06
OA1 FLC H . -8.73 -16.38 -6.09
OA2 FLC H . -9.84 -16.42 -4.16
OB1 FLC H . -10.70 -15.85 -8.79
OB2 FLC H . -11.09 -13.99 -7.75
OG1 FLC H . -14.92 -15.15 -8.11
OG2 FLC H . -14.89 -15.34 -5.92
OHB FLC H . -12.19 -15.08 -5.63
HA1 FLC H . -10.64 -17.72 -6.97
HA2 FLC H . -11.56 -17.74 -5.52
HG1 FLC H . -13.14 -16.87 -8.21
HG2 FLC H . -13.50 -17.44 -6.63
HOB FLC H . -12.52 -15.64 -4.88
C1 PGE I . -0.75 -23.03 -25.04
O1 PGE I . -2.12 -23.36 -25.27
C2 PGE I . -0.62 -21.97 -23.98
O2 PGE I . -0.08 -20.79 -24.54
C3 PGE I . 0.26 -19.79 -23.60
C4 PGE I . 1.07 -18.75 -24.28
O4 PGE I . 0.98 -16.55 -28.55
C6 PGE I . 0.63 -17.67 -27.73
C5 PGE I . 1.11 -17.48 -26.32
O3 PGE I . 0.38 -18.35 -25.46
H1 PGE I . -0.18 -23.92 -24.79
H12 PGE I . -0.40 -22.69 -26.00
HO1 PGE I . -2.18 -23.74 -26.19
H2 PGE I . -1.58 -21.78 -23.52
H22 PGE I . 0.05 -22.33 -23.20
H3 PGE I . -0.64 -19.35 -23.17
H32 PGE I . 0.83 -20.21 -22.78
H4 PGE I . 1.21 -17.91 -23.60
H42 PGE I . 2.05 -19.15 -24.52
HO4 PGE I . 0.46 -15.77 -28.24
H6 PGE I . 1.14 -18.51 -28.20
H62 PGE I . -0.43 -17.87 -27.77
H5 PGE I . 0.99 -16.45 -26.01
H52 PGE I . 2.17 -17.69 -26.27
OH2 1PE J . -0.37 16.49 29.99
C12 1PE J . -1.25 17.30 29.18
C22 1PE J . -0.97 17.16 27.70
OH3 1PE J . -1.34 15.86 27.25
C13 1PE J . -0.81 13.53 27.31
C23 1PE J . -0.30 14.91 27.27
OH4 1PE J . 0.11 12.70 28.02
C14 1PE J . 0.96 12.01 30.12
C24 1PE J . -0.02 12.84 29.41
OH5 1PE J . 1.17 12.50 31.43
C15 1PE J . 2.63 13.77 32.86
C25 1PE J . 2.16 13.49 31.48
OH6 1PE J . 3.94 14.31 32.78
C16 1PE J . 6.24 13.94 32.60
C26 1PE J . 4.94 13.36 33.02
OH7 1PE J . 7.22 12.93 32.40
HO2 1PE J . -0.80 16.38 30.88
H121 1PE J . -2.29 17.09 29.39
H122 1PE J . -1.07 18.32 29.50
H221 1PE J . -1.51 17.92 27.15
H222 1PE J . 0.09 17.36 27.49
H131 1PE J . -1.80 13.53 27.76
H132 1PE J . -0.94 13.15 26.30
H231 1PE J . 0.32 15.01 26.38
H232 1PE J . 0.38 15.10 28.10
H141 1PE J . 0.53 11.01 30.18
H142 1PE J . 1.88 11.94 29.54
H241 1PE J . 0.04 13.88 29.75
H242 1PE J . -1.01 12.51 29.70
H151 1PE J . 1.95 14.48 33.34
H152 1PE J . 2.60 12.86 33.47
H251 1PE J . 3.02 13.19 30.88
H252 1PE J . 1.76 14.41 31.08
H161 1PE J . 6.12 14.48 31.66
H162 1PE J . 6.58 14.71 33.29
H261 1PE J . 4.96 13.11 34.08
H262 1PE J . 4.76 12.42 32.50
HO7 1PE J . 8.11 13.37 32.36
CAC FLC K . 11.20 -1.03 16.41
CA FLC K . 12.39 -0.41 17.10
CB FLC K . 13.13 0.66 16.28
CBC FLC K . 12.25 1.93 16.14
CG FLC K . 14.49 1.02 16.90
CGC FLC K . 15.56 1.46 15.90
OA1 FLC K . 10.10 -0.47 16.58
OA2 FLC K . 11.37 -2.08 15.72
OB1 FLC K . 12.02 2.32 15.00
OB2 FLC K . 11.75 2.43 17.17
OG1 FLC K . 16.07 0.62 15.11
OG2 FLC K . 15.86 2.66 15.91
OHB FLC K . 13.42 0.10 14.99
HA1 FLC K . 12.06 0.01 18.05
HA2 FLC K . 13.10 -1.18 17.38
HG1 FLC K . 14.33 1.79 17.66
HG2 FLC K . 14.90 0.18 17.45
HOB FLC K . 13.86 -0.77 15.15
C1 PEG L . 0.25 11.36 44.02
O1 PEG L . 0.42 11.86 45.35
C2 PEG L . -1.00 11.84 43.37
O2 PEG L . -0.94 11.61 41.97
C3 PEG L . -2.11 11.05 41.39
C4 PEG L . -2.11 9.57 41.57
O4 PEG L . -3.28 8.93 41.08
H11 PEG L . 1.13 11.59 43.41
H12 PEG L . 0.23 10.28 44.17
HO1 PEG L . 1.37 11.76 45.59
H21 PEG L . -1.86 11.33 43.82
H22 PEG L . -1.16 12.90 43.58
H31 PEG L . -3.01 11.50 41.82
H32 PEG L . -2.14 11.31 40.33
H41 PEG L . -1.33 9.14 40.96
H42 PEG L . -1.94 9.29 42.61
HO4 PEG L . -3.30 8.01 41.45
CAC FLC M . -18.18 11.22 3.89
CAC FLC M . -18.58 12.17 4.19
CA FLC M . -16.81 11.82 3.55
CA FLC M . -17.17 12.23 3.61
CB FLC M . -15.97 12.57 4.61
CB FLC M . -16.09 12.86 4.52
CBC FLC M . -15.51 11.69 5.79
CBC FLC M . -15.83 11.95 5.73
CG FLC M . -14.64 13.05 4.00
CG FLC M . -14.78 13.06 3.74
CGC FLC M . -14.72 13.77 2.68
CGC FLC M . -14.79 14.02 2.57
OA1 FLC M . -18.86 10.75 2.94
OA1 FLC M . -19.25 13.23 4.20
OA2 FLC M . -18.55 11.16 5.08
OA2 FLC M . -18.99 11.07 4.61
OB1 FLC M . -15.27 10.53 5.56
OB1 FLC M . -15.41 10.80 5.51
OB2 FLC M . -15.52 12.20 6.92
OB2 FLC M . -16.03 12.43 6.86
OG1 FLC M . -15.49 14.75 2.56
OG1 FLC M . -15.65 14.94 2.55
OG2 FLC M . -14.00 13.31 1.79
OG2 FLC M . -13.93 13.86 1.68
OHB FLC M . -16.63 13.73 5.10
OHB FLC M . -16.56 14.14 4.96
HA1 FLC M . -16.22 11.02 3.10
HA1 FLC M . -17.25 12.76 2.66
HA2 FLC M . -16.97 12.50 2.72
HA2 FLC M . -16.84 11.23 3.32
HG1 FLC M . -13.98 12.19 3.91
HG1 FLC M . -14.01 13.36 4.45
HG2 FLC M . -14.12 13.71 4.69
HG2 FLC M . -14.43 12.09 3.36
HOB FLC M . -17.40 13.39 5.62
HOB FLC M . -15.83 14.51 5.52
C1 PGE N . -8.01 16.45 27.05
O1 PGE N . -8.10 17.67 27.79
C2 PGE N . -7.27 16.64 25.76
O2 PGE N . -8.12 17.25 24.79
C3 PGE N . -7.45 17.71 23.62
C4 PGE N . -8.33 18.67 22.89
O4 PGE N . -11.31 21.01 24.77
C6 PGE N . -10.21 21.61 24.11
C5 PGE N . -9.56 20.67 23.13
O3 PGE N . -8.78 19.68 23.78
H1 PGE N . -7.57 15.64 27.64
H12 PGE N . -9.05 16.17 26.85
HO1 PGE N . -7.20 17.88 28.13
H2 PGE N . -6.41 17.28 25.95
H22 PGE N . -6.89 15.69 25.41
H3 PGE N . -6.51 18.20 23.87
H32 PGE N . -7.20 16.88 22.97
H4 PGE N . -7.77 19.11 22.06
H42 PGE N . -9.18 18.14 22.45
HO4 PGE N . -12.14 21.36 24.34
H6 PGE N . -9.53 21.87 24.91
H62 PGE N . -10.51 22.54 23.62
H5 PGE N . -10.34 20.20 22.53
H52 PGE N . -8.92 21.24 22.44
C1 EDO O . 11.93 23.18 19.12
O1 EDO O . 12.94 23.32 20.14
C2 EDO O . 12.37 23.76 17.77
O2 EDO O . 12.70 25.12 17.88
H11 EDO O . 11.63 22.15 19.01
H12 EDO O . 11.08 23.74 19.50
HO1 EDO O . 13.78 22.95 19.77
H21 EDO O . 13.29 23.30 17.41
H22 EDO O . 11.60 23.57 17.02
HO2 EDO O . 13.36 25.33 17.17
#